data_2IX2
#
_entry.id   2IX2
#
_cell.length_a   44.808
_cell.length_b   78.798
_cell.length_c   125.611
_cell.angle_alpha   90.00
_cell.angle_beta   100.51
_cell.angle_gamma   90.00
#
_symmetry.space_group_name_H-M   'P 1 21 1'
#
loop_
_entity.id
_entity.type
_entity.pdbx_description
1 polymer 'DNA POLYMERASE SLIDING CLAMP B'
2 polymer 'DNA POLYMERASE SLIDING CLAMP C'
3 polymer 'DNA POLYMERASE SLIDING CLAMP A'
4 water water
#
loop_
_entity_poly.entity_id
_entity_poly.type
_entity_poly.pdbx_seq_one_letter_code
_entity_poly.pdbx_strand_id
1 'polypeptide(L)'
;MFKIVYPNAKDFFSFINSITNVTDSIILNFTEDGIFSRHLTEDKVLMAIMRIPKDVLSEYSIDSPTSVKLDVSSVKKILS
KASSKKATIELTETDSGLKIIIRDEKSGAKSTIYIKAEKGQVEQLTEPKVNLAVNFTTDESVLNVIAADVTLVGEEMRIS
TEEDKIKIEAGEEGKRYVAFLMKDKPLKELSIDTSASSSYSAEMFKDAVKGLRGFSAPTMVSFGENLPMKIDVEAVSGGH
MIFWIAPRL
;
A
2 'polypeptide(L)'
;MKAKVIDAVSFSYILRTVGDFLSEANFIVTKEGIRVSGIDPSRVVFLDIFLPSSYFEGFEVSQEKEIIGFKLEDVNDILK
RVLKDDTLILSSNESKLTLTFDGEFTRSFELPLIQVESTQPPSVNLEFPFKAQLLTITFADIIDELSDLGEVLNIHSKEN
KLYFEVIGDLSTAKVELSTDNGTLLEASGADVSSSYGMEYVANTTKMRRASDSMELYFGSQIPLKLRFKLPQEGYGDFYI
APRAD
;
B
3 'polypeptide(L)'
;MIYLKSFERNIRLINMKVVYDDVRVLKDIIQALARLVDEAVLKFKQDSVELVALDRAHISLISVNLPREMFKEYDVNDEF
KFGFNTQYLMKILKVAKRKEAIEIASESPDSVIINIIGSTNREFNVRNLEVSEQEIPEINLQFDISATISSDGFKSAISE
VSTVTDNVVVEGHEDRILIKAEGESEVEVEFSKDTGGLQDLEFSKESKNSYSAEYLDDVLSLTKLSDYVKISFGNQKPLQ
LFFNMEGGGKVTYLLAPKV
;
C
#
# COMPACT_ATOMS: atom_id res chain seq x y z
N PHE A 2 12.81 6.42 40.11
CA PHE A 2 12.14 5.81 38.92
C PHE A 2 13.13 5.10 38.01
N LYS A 3 12.72 3.92 37.52
CA LYS A 3 13.39 3.20 36.44
C LYS A 3 12.58 1.97 36.07
N ILE A 4 11.93 2.03 34.90
CA ILE A 4 11.13 0.91 34.40
C ILE A 4 11.68 0.48 33.05
N VAL A 5 11.93 -0.81 32.89
CA VAL A 5 12.50 -1.36 31.65
C VAL A 5 11.60 -2.46 31.08
N TYR A 6 10.89 -2.14 30.00
CA TYR A 6 10.08 -3.13 29.28
C TYR A 6 10.96 -3.85 28.26
N PRO A 7 10.78 -5.18 28.13
CA PRO A 7 11.53 -5.99 27.15
C PRO A 7 11.37 -5.54 25.69
N ASN A 8 10.15 -5.33 25.22
CA ASN A 8 9.93 -4.95 23.83
C ASN A 8 9.19 -3.62 23.63
N ALA A 9 9.80 -2.74 22.85
CA ALA A 9 9.23 -1.42 22.57
C ALA A 9 7.90 -1.50 21.84
N LYS A 10 7.79 -2.48 20.94
CA LYS A 10 6.58 -2.66 20.13
C LYS A 10 5.36 -3.00 20.98
N ASP A 11 5.52 -3.92 21.93
CA ASP A 11 4.45 -4.27 22.85
C ASP A 11 3.98 -3.08 23.68
N PHE A 12 4.92 -2.31 24.22
CA PHE A 12 4.57 -1.07 24.92
C PHE A 12 3.96 -0.02 23.99
N PHE A 13 4.41 0.00 22.73
CA PHE A 13 3.80 0.79 21.66
C PHE A 13 2.33 0.37 21.47
N SER A 14 2.08 -0.94 21.45
CA SER A 14 0.71 -1.47 21.35
C SER A 14 -0.15 -1.08 22.55
N PHE A 15 0.43 -1.12 23.76
CA PHE A 15 -0.29 -0.71 24.96
C PHE A 15 -0.69 0.77 24.92
N ILE A 16 0.29 1.65 24.71
CA ILE A 16 0.02 3.10 24.66
C ILE A 16 -1.10 3.44 23.65
N ASN A 17 -1.08 2.82 22.48
CA ASN A 17 -2.09 3.04 21.45
C ASN A 17 -3.52 2.66 21.85
N SER A 18 -3.65 1.52 22.54
CA SER A 18 -4.94 1.01 23.00
C SER A 18 -5.60 1.89 24.06
N ILE A 19 -4.82 2.33 25.04
CA ILE A 19 -5.35 3.15 26.13
C ILE A 19 -5.60 4.60 25.71
N THR A 20 -5.31 4.91 24.44
CA THR A 20 -5.52 6.23 23.86
C THR A 20 -6.34 6.19 22.56
N ASN A 21 -7.62 5.84 22.68
CA ASN A 21 -8.53 5.85 21.55
C ASN A 21 -9.41 7.11 21.54
N VAL A 22 -9.82 7.53 22.72
CA VAL A 22 -10.71 8.68 22.88
C VAL A 22 -9.92 9.98 23.06
N THR A 23 -8.86 9.92 23.86
CA THR A 23 -7.99 11.06 24.15
C THR A 23 -6.51 10.69 24.13
N ASP A 24 -5.67 11.68 23.87
CA ASP A 24 -4.22 11.51 23.86
C ASP A 24 -3.63 11.72 25.26
N SER A 25 -4.51 11.96 26.22
CA SER A 25 -4.12 12.15 27.62
C SER A 25 -4.44 10.88 28.41
N ILE A 26 -3.48 10.42 29.22
CA ILE A 26 -3.68 9.24 30.07
C ILE A 26 -3.05 9.33 31.45
N ILE A 27 -3.53 8.47 32.34
CA ILE A 27 -2.97 8.36 33.69
C ILE A 27 -2.37 6.97 33.89
N LEU A 28 -1.04 6.93 33.96
CA LEU A 28 -0.30 5.72 34.31
C LEU A 28 -0.19 5.63 35.83
N ASN A 29 -0.48 4.45 36.38
CA ASN A 29 -0.38 4.19 37.80
C ASN A 29 0.76 3.22 38.13
N PHE A 30 1.73 3.69 38.90
CA PHE A 30 2.86 2.88 39.33
C PHE A 30 2.72 2.49 40.80
N THR A 31 2.51 1.20 41.05
CA THR A 31 2.37 0.69 42.41
C THR A 31 3.40 -0.41 42.63
N GLU A 32 3.34 -1.04 43.81
CA GLU A 32 4.25 -2.13 44.16
C GLU A 32 4.08 -3.32 43.23
N ASP A 33 2.85 -3.56 42.79
CA ASP A 33 2.53 -4.68 41.90
C ASP A 33 2.83 -4.42 40.41
N GLY A 34 3.06 -3.15 40.06
CA GLY A 34 3.42 -2.80 38.68
C GLY A 34 2.62 -1.63 38.13
N ILE A 35 2.49 -1.59 36.80
CA ILE A 35 1.77 -0.51 36.13
C ILE A 35 0.31 -0.88 35.87
N PHE A 36 -0.57 0.06 36.16
CA PHE A 36 -1.98 -0.06 35.84
C PHE A 36 -2.41 1.18 35.06
N SER A 37 -3.26 0.98 34.06
CA SER A 37 -3.83 2.10 33.31
C SER A 37 -5.26 1.81 32.91
N ARG A 38 -6.09 2.86 32.95
CA ARG A 38 -7.51 2.75 32.67
C ARG A 38 -7.98 3.93 31.83
N HIS A 39 -8.88 3.64 30.90
CA HIS A 39 -9.73 4.68 30.31
C HIS A 39 -11.14 4.16 30.03
N LEU A 40 -12.11 4.99 30.39
CA LEU A 40 -13.51 4.67 30.22
C LEU A 40 -14.16 5.78 29.39
N THR A 41 -14.91 5.41 28.37
CA THR A 41 -15.62 6.39 27.54
C THR A 41 -16.58 7.25 28.38
N GLU A 42 -17.05 8.36 27.82
CA GLU A 42 -17.91 9.27 28.59
C GLU A 42 -19.25 8.62 28.95
N ASP A 43 -19.87 7.94 27.98
CA ASP A 43 -21.09 7.16 28.25
C ASP A 43 -20.82 5.89 29.07
N LYS A 44 -19.54 5.64 29.34
CA LYS A 44 -19.04 4.50 30.13
C LYS A 44 -19.49 3.12 29.61
N VAL A 45 -19.61 3.03 28.29
CA VAL A 45 -19.95 1.79 27.62
C VAL A 45 -18.70 0.96 27.33
N LEU A 46 -17.58 1.63 27.03
CA LEU A 46 -16.31 0.95 26.79
C LEU A 46 -15.22 1.35 27.80
N MET A 47 -14.68 0.33 28.46
CA MET A 47 -13.57 0.47 29.40
C MET A 47 -12.30 -0.17 28.84
N ALA A 48 -11.23 0.62 28.71
CA ALA A 48 -9.91 0.09 28.39
C ALA A 48 -9.04 -0.04 29.66
N ILE A 49 -8.45 -1.22 29.86
CA ILE A 49 -7.63 -1.55 31.04
C ILE A 49 -6.31 -2.23 30.64
N MET A 50 -5.18 -1.63 31.04
CA MET A 50 -3.91 -2.33 30.93
C MET A 50 -3.32 -2.65 32.31
N ARG A 51 -2.87 -3.89 32.47
CA ARG A 51 -2.21 -4.34 33.69
C ARG A 51 -0.85 -4.96 33.32
N ILE A 52 0.23 -4.36 33.81
CA ILE A 52 1.56 -4.91 33.60
C ILE A 52 2.19 -5.30 34.94
N PRO A 53 2.15 -6.60 35.28
CA PRO A 53 2.76 -7.06 36.52
C PRO A 53 4.28 -6.88 36.49
N LYS A 54 4.86 -6.49 37.63
CA LYS A 54 6.27 -6.14 37.71
C LYS A 54 7.22 -7.27 37.27
N ASP A 55 6.77 -8.52 37.40
CA ASP A 55 7.60 -9.70 37.11
C ASP A 55 7.77 -9.93 35.61
N VAL A 56 7.00 -9.19 34.82
CA VAL A 56 7.07 -9.19 33.35
C VAL A 56 8.16 -8.23 32.87
N LEU A 57 8.39 -7.18 33.65
CA LEU A 57 9.42 -6.19 33.37
C LEU A 57 10.82 -6.74 33.65
N SER A 58 11.76 -6.40 32.78
CA SER A 58 13.16 -6.77 32.94
C SER A 58 13.78 -6.03 34.12
N GLU A 59 13.15 -4.91 34.49
CA GLU A 59 13.54 -4.15 35.68
C GLU A 59 12.39 -3.23 36.10
N TYR A 60 12.24 -3.05 37.41
CA TYR A 60 11.22 -2.19 37.99
C TYR A 60 11.70 -1.65 39.32
N SER A 61 11.56 -0.34 39.50
CA SER A 61 11.98 0.34 40.71
C SER A 61 11.24 1.65 40.88
N ILE A 62 10.75 1.92 42.08
CA ILE A 62 10.16 3.21 42.40
C ILE A 62 10.59 3.62 43.81
N ASP A 63 10.16 4.80 44.25
CA ASP A 63 10.44 5.26 45.60
C ASP A 63 9.15 5.38 46.44
N SER A 64 8.01 5.41 45.74
CA SER A 64 6.67 5.35 46.35
C SER A 64 5.60 5.22 45.27
N PRO A 65 4.61 4.31 45.49
CA PRO A 65 3.49 4.20 44.57
C PRO A 65 2.90 5.56 44.22
N THR A 66 2.70 5.80 42.92
CA THR A 66 2.30 7.13 42.42
C THR A 66 1.60 7.05 41.05
N SER A 67 0.92 8.14 40.69
CA SER A 67 0.33 8.28 39.36
C SER A 67 1.03 9.40 38.57
N VAL A 68 1.09 9.23 37.26
CA VAL A 68 1.53 10.30 36.36
C VAL A 68 0.47 10.52 35.28
N LYS A 69 0.10 11.78 35.08
CA LYS A 69 -0.82 12.15 34.04
C LYS A 69 -0.01 12.83 32.93
N LEU A 70 -0.10 12.27 31.72
CA LEU A 70 0.72 12.77 30.61
C LEU A 70 -0.01 12.80 29.29
N ASP A 71 0.49 13.63 28.39
CA ASP A 71 0.05 13.66 27.00
C ASP A 71 0.96 12.76 26.17
N VAL A 72 0.35 11.79 25.49
CA VAL A 72 1.07 10.68 24.86
C VAL A 72 1.15 10.82 23.32
N SER A 73 0.64 11.93 22.79
CA SER A 73 0.49 12.14 21.35
C SER A 73 1.81 12.17 20.56
N SER A 74 2.80 12.89 21.07
CA SER A 74 4.09 13.01 20.40
C SER A 74 4.88 11.69 20.44
N VAL A 75 4.98 11.09 21.63
CA VAL A 75 5.65 9.79 21.79
C VAL A 75 4.99 8.70 20.93
N LYS A 76 3.71 8.89 20.59
CA LYS A 76 3.00 7.99 19.69
C LYS A 76 3.61 8.04 18.29
N LYS A 77 3.67 9.26 17.73
CA LYS A 77 4.20 9.45 16.38
C LYS A 77 5.71 9.25 16.21
N ILE A 78 6.47 9.49 17.26
CA ILE A 78 7.92 9.23 17.23
C ILE A 78 8.19 7.73 17.17
N LEU A 79 7.52 6.98 18.05
CA LEU A 79 7.65 5.52 18.08
C LEU A 79 7.05 4.88 16.82
N SER A 80 6.11 5.58 16.19
CA SER A 80 5.52 5.18 14.90
C SER A 80 6.53 5.24 13.74
N LYS A 81 7.65 5.93 13.96
CA LYS A 81 8.72 6.03 12.97
C LYS A 81 10.00 5.34 13.46
N ALA A 82 10.03 5.01 14.75
CA ALA A 82 11.23 4.47 15.39
C ALA A 82 11.47 3.00 15.12
N SER A 83 10.39 2.26 14.85
CA SER A 83 10.45 0.81 14.62
C SER A 83 11.36 0.42 13.45
N LYS A 86 13.04 -3.66 16.87
CA LYS A 86 13.20 -4.41 18.10
C LYS A 86 14.14 -3.68 19.04
N ALA A 87 13.66 -3.36 20.24
CA ALA A 87 14.37 -2.51 21.20
C ALA A 87 13.69 -2.55 22.56
N THR A 88 14.40 -2.10 23.60
CA THR A 88 13.83 -1.95 24.94
C THR A 88 13.39 -0.51 25.16
N ILE A 89 12.59 -0.28 26.20
CA ILE A 89 12.13 1.06 26.54
C ILE A 89 12.24 1.34 28.04
N GLU A 90 12.91 2.45 28.36
CA GLU A 90 13.03 2.97 29.72
C GLU A 90 12.07 4.11 29.97
N LEU A 91 11.65 4.28 31.23
CA LEU A 91 10.98 5.50 31.66
C LEU A 91 11.71 6.03 32.88
N THR A 92 11.83 7.35 32.98
CA THR A 92 12.43 8.00 34.15
C THR A 92 11.75 9.34 34.43
N ASP A 95 12.26 16.77 36.72
CA ASP A 95 11.30 17.37 37.64
C ASP A 95 9.98 17.71 36.97
N SER A 96 10.04 18.13 35.71
CA SER A 96 8.86 18.57 34.97
C SER A 96 8.04 17.43 34.37
N GLY A 97 8.51 16.19 34.49
CA GLY A 97 7.78 15.04 33.97
C GLY A 97 8.56 13.75 33.77
N LEU A 98 8.36 13.11 32.62
CA LEU A 98 8.97 11.81 32.33
C LEU A 98 9.95 11.85 31.16
N LYS A 99 10.87 10.87 31.15
CA LYS A 99 11.88 10.71 30.12
C LYS A 99 11.86 9.27 29.64
N ILE A 100 11.84 9.08 28.32
CA ILE A 100 11.73 7.75 27.70
C ILE A 100 12.96 7.44 26.85
N ILE A 101 13.53 6.25 27.04
CA ILE A 101 14.71 5.83 26.28
C ILE A 101 14.42 4.58 25.44
N ILE A 102 14.66 4.69 24.14
CA ILE A 102 14.55 3.57 23.22
C ILE A 102 15.91 3.35 22.59
N ARG A 103 16.40 2.11 22.60
CA ARG A 103 17.69 1.80 21.99
C ARG A 103 17.64 0.66 20.96
N ASP A 104 17.78 1.05 19.69
CA ASP A 104 17.86 0.13 18.57
C ASP A 104 19.26 -0.51 18.57
N GLU A 105 19.31 -1.83 18.59
CA GLU A 105 20.60 -2.54 18.57
C GLU A 105 21.07 -2.91 17.16
N LYS A 106 20.25 -2.56 16.15
CA LYS A 106 20.61 -2.75 14.75
C LYS A 106 21.33 -1.52 14.19
N SER A 107 20.70 -0.35 14.34
CA SER A 107 21.28 0.91 13.92
C SER A 107 22.26 1.48 14.94
N GLY A 108 21.97 1.25 16.22
CA GLY A 108 22.79 1.78 17.31
C GLY A 108 22.21 3.06 17.89
N ALA A 109 21.22 3.62 17.19
CA ALA A 109 20.56 4.85 17.59
C ALA A 109 19.93 4.77 18.98
N LYS A 110 20.28 5.74 19.82
CA LYS A 110 19.65 5.89 21.13
C LYS A 110 18.71 7.07 21.05
N SER A 111 17.41 6.82 21.17
CA SER A 111 16.41 7.88 21.03
C SER A 111 15.69 8.17 22.36
N THR A 112 15.81 9.44 22.79
CA THR A 112 15.25 9.88 24.07
C THR A 112 14.13 10.90 23.88
N ILE A 113 12.95 10.56 24.40
CA ILE A 113 11.76 11.41 24.34
C ILE A 113 11.44 12.00 25.72
N TYR A 114 11.47 13.33 25.81
CA TYR A 114 11.07 14.00 27.04
C TYR A 114 9.60 14.42 26.98
N ILE A 115 8.86 14.18 28.06
CA ILE A 115 7.47 14.63 28.17
C ILE A 115 7.19 15.31 29.52
N LYS A 116 6.43 16.41 29.49
CA LYS A 116 5.92 17.08 30.68
C LYS A 116 4.92 16.16 31.37
N ASN A 131 -18.62 -12.21 36.47
CA ASN A 131 -19.06 -13.63 36.40
C ASN A 131 -19.84 -13.91 35.12
N LEU A 132 -19.09 -14.23 34.06
CA LEU A 132 -19.65 -14.42 32.73
C LEU A 132 -19.78 -15.91 32.39
N ALA A 133 -20.99 -16.29 31.95
CA ALA A 133 -21.31 -17.67 31.60
C ALA A 133 -20.54 -18.22 30.39
N VAL A 134 -20.53 -17.45 29.30
CA VAL A 134 -19.94 -17.92 28.03
C VAL A 134 -18.50 -17.40 27.86
N ASN A 135 -17.69 -18.23 27.21
CA ASN A 135 -16.25 -18.03 27.16
C ASN A 135 -15.67 -18.68 25.90
N PHE A 136 -15.04 -17.88 25.04
CA PHE A 136 -14.32 -18.45 23.89
C PHE A 136 -12.99 -17.77 23.63
N THR A 137 -12.12 -18.48 22.92
CA THR A 137 -10.78 -18.01 22.62
C THR A 137 -10.50 -18.07 21.12
N THR A 138 -10.03 -16.95 20.58
CA THR A 138 -9.74 -16.82 19.15
C THR A 138 -8.58 -15.82 18.95
N ASP A 139 -8.54 -15.11 17.82
CA ASP A 139 -7.51 -14.10 17.63
C ASP A 139 -8.09 -12.77 17.13
N GLU A 140 -7.24 -11.75 17.04
CA GLU A 140 -7.67 -10.41 16.64
C GLU A 140 -8.05 -10.35 15.16
N SER A 141 -7.47 -11.26 14.37
CA SER A 141 -7.81 -11.45 12.98
C SER A 141 -9.29 -11.75 12.81
N VAL A 142 -9.77 -12.81 13.47
CA VAL A 142 -11.17 -13.21 13.37
C VAL A 142 -12.08 -12.10 13.90
N LEU A 143 -11.71 -11.52 15.03
CA LEU A 143 -12.52 -10.49 15.66
C LEU A 143 -12.61 -9.24 14.78
N ASN A 144 -11.55 -9.00 14.01
CA ASN A 144 -11.50 -7.90 13.05
C ASN A 144 -12.38 -8.12 11.82
N VAL A 145 -12.44 -9.37 11.36
CA VAL A 145 -13.40 -9.74 10.31
C VAL A 145 -14.82 -9.48 10.79
N ILE A 146 -15.14 -9.92 12.01
CA ILE A 146 -16.51 -9.79 12.56
C ILE A 146 -16.91 -8.33 12.71
N ALA A 147 -16.05 -7.54 13.35
CA ALA A 147 -16.31 -6.11 13.57
C ALA A 147 -16.57 -5.34 12.27
N ALA A 148 -15.81 -5.66 11.23
CA ALA A 148 -15.97 -5.04 9.93
C ALA A 148 -17.25 -5.52 9.22
N ASP A 149 -17.56 -6.82 9.36
CA ASP A 149 -18.81 -7.40 8.84
C ASP A 149 -20.04 -6.77 9.50
N VAL A 150 -20.00 -6.65 10.81
CA VAL A 150 -21.08 -6.05 11.58
C VAL A 150 -21.34 -4.59 11.23
N THR A 151 -20.25 -3.81 11.06
CA THR A 151 -20.34 -2.37 10.80
C THR A 151 -20.91 -2.03 9.43
N LEU A 152 -20.71 -2.95 8.47
CA LEU A 152 -21.27 -2.79 7.15
C LEU A 152 -22.80 -2.78 7.19
N VAL A 153 -23.38 -3.62 8.07
CA VAL A 153 -24.84 -3.85 8.07
C VAL A 153 -25.67 -3.11 9.15
N GLY A 154 -25.03 -2.70 10.24
CA GLY A 154 -25.76 -2.08 11.36
C GLY A 154 -24.89 -1.54 12.48
N GLU A 155 -25.52 -0.91 13.46
CA GLU A 155 -24.81 -0.27 14.58
C GLU A 155 -24.90 -1.06 15.89
N GLU A 156 -25.53 -2.23 15.83
CA GLU A 156 -25.71 -3.06 17.01
C GLU A 156 -25.50 -4.55 16.69
N MET A 157 -24.72 -5.20 17.53
CA MET A 157 -24.37 -6.59 17.36
C MET A 157 -25.06 -7.42 18.43
N ARG A 158 -25.70 -8.52 18.02
CA ARG A 158 -26.22 -9.48 18.97
C ARG A 158 -25.35 -10.73 18.91
N ILE A 159 -24.82 -11.13 20.05
CA ILE A 159 -24.03 -12.35 20.17
C ILE A 159 -24.79 -13.34 21.05
N SER A 160 -24.72 -14.63 20.72
CA SER A 160 -25.50 -15.66 21.42
C SER A 160 -24.92 -17.07 21.28
N THR A 161 -25.58 -18.00 21.98
CA THR A 161 -25.26 -19.42 21.97
C THR A 161 -26.30 -20.19 21.16
N GLU A 162 -25.84 -20.97 20.18
CA GLU A 162 -26.69 -21.91 19.48
C GLU A 162 -25.99 -23.27 19.54
N GLU A 163 -26.36 -24.08 20.52
CA GLU A 163 -25.83 -25.43 20.72
C GLU A 163 -24.31 -25.45 20.96
N ASP A 164 -23.52 -25.81 19.95
CA ASP A 164 -22.06 -25.93 20.12
C ASP A 164 -21.27 -24.83 19.38
N LYS A 165 -22.00 -23.83 18.91
CA LYS A 165 -21.40 -22.72 18.18
C LYS A 165 -21.87 -21.37 18.72
N ILE A 166 -21.21 -20.31 18.27
CA ILE A 166 -21.54 -18.95 18.69
C ILE A 166 -22.13 -18.17 17.54
N LYS A 167 -23.27 -17.53 17.80
CA LYS A 167 -24.01 -16.84 16.79
C LYS A 167 -23.83 -15.33 16.95
N ILE A 168 -23.53 -14.65 15.85
CA ILE A 168 -23.41 -13.19 15.83
C ILE A 168 -24.38 -12.65 14.79
N GLU A 169 -25.22 -11.70 15.21
CA GLU A 169 -26.26 -11.13 14.36
C GLU A 169 -26.24 -9.60 14.32
N ALA A 170 -26.28 -9.03 13.11
CA ALA A 170 -26.39 -7.60 12.95
C ALA A 170 -27.26 -7.22 11.75
N GLY A 171 -27.78 -5.98 11.78
CA GLY A 171 -28.54 -5.44 10.65
C GLY A 171 -29.93 -4.97 11.05
N ARG A 176 -29.26 -7.78 6.65
CA ARG A 176 -28.95 -8.61 7.82
C ARG A 176 -27.71 -9.51 7.68
N TYR A 177 -27.04 -9.75 8.81
CA TYR A 177 -25.82 -10.56 8.87
C TYR A 177 -25.89 -11.59 9.99
N VAL A 178 -25.48 -12.81 9.67
CA VAL A 178 -25.34 -13.87 10.66
C VAL A 178 -24.02 -14.62 10.49
N ALA A 179 -23.31 -14.80 11.60
CA ALA A 179 -22.09 -15.58 11.62
C ALA A 179 -22.13 -16.65 12.71
N PHE A 180 -21.48 -17.78 12.43
CA PHE A 180 -21.33 -18.86 13.39
C PHE A 180 -19.86 -19.19 13.60
N LEU A 181 -19.43 -19.14 14.85
CA LEU A 181 -18.08 -19.58 15.24
C LEU A 181 -18.19 -20.87 16.07
N MET A 182 -17.38 -21.87 15.73
CA MET A 182 -17.31 -23.12 16.49
C MET A 182 -15.86 -23.54 16.70
N LYS A 183 -15.62 -24.56 17.53
CA LYS A 183 -14.25 -25.01 17.75
C LYS A 183 -13.64 -25.49 16.42
N ASP A 184 -12.36 -25.17 16.23
CA ASP A 184 -11.60 -25.47 14.99
C ASP A 184 -12.22 -24.88 13.71
N LYS A 185 -13.23 -24.03 13.90
CA LYS A 185 -13.91 -23.34 12.81
C LYS A 185 -14.63 -22.08 13.33
N PRO A 186 -13.86 -21.08 13.79
CA PRO A 186 -12.40 -21.00 13.94
C PRO A 186 -11.86 -21.14 15.38
N LEU A 187 -12.74 -21.32 16.36
CA LEU A 187 -12.40 -21.16 17.78
C LEU A 187 -11.34 -22.14 18.29
N LYS A 188 -10.36 -21.61 19.02
CA LYS A 188 -9.37 -22.44 19.70
C LYS A 188 -9.95 -23.06 20.96
N GLU A 189 -10.83 -22.31 21.63
CA GLU A 189 -11.52 -22.77 22.83
C GLU A 189 -12.98 -22.30 22.81
N LEU A 190 -13.89 -23.18 23.24
CA LEU A 190 -15.26 -22.79 23.52
C LEU A 190 -15.81 -23.49 24.77
N SER A 191 -16.29 -22.69 25.72
CA SER A 191 -16.95 -23.18 26.92
C SER A 191 -18.25 -22.40 27.15
N ILE A 192 -19.36 -23.14 27.22
CA ILE A 192 -20.68 -22.55 27.46
C ILE A 192 -21.38 -23.40 28.53
N ASP A 193 -21.39 -22.89 29.78
CA ASP A 193 -22.02 -23.60 30.91
C ASP A 193 -23.48 -23.19 31.16
N THR A 194 -23.95 -22.19 30.42
CA THR A 194 -25.35 -21.75 30.47
C THR A 194 -25.63 -20.91 29.22
N SER A 195 -26.78 -21.15 28.59
CA SER A 195 -27.21 -20.37 27.42
C SER A 195 -27.29 -18.88 27.75
N ALA A 196 -26.93 -18.05 26.78
CA ALA A 196 -26.85 -16.61 26.96
C ALA A 196 -26.91 -15.84 25.65
N SER A 197 -27.44 -14.62 25.72
CA SER A 197 -27.40 -13.66 24.62
C SER A 197 -27.23 -12.27 25.19
N SER A 198 -26.58 -11.42 24.41
CA SER A 198 -26.34 -10.04 24.81
C SER A 198 -26.22 -9.19 23.54
N SER A 199 -26.64 -7.94 23.63
CA SER A 199 -26.49 -7.01 22.53
C SER A 199 -25.47 -5.95 22.89
N TYR A 200 -24.77 -5.45 21.87
CA TYR A 200 -23.68 -4.50 22.06
C TYR A 200 -23.61 -3.50 20.91
N SER A 201 -23.14 -2.29 21.22
CA SER A 201 -22.81 -1.28 20.23
C SER A 201 -21.72 -1.79 19.30
N ALA A 202 -22.04 -1.86 18.01
CA ALA A 202 -21.07 -2.26 17.00
C ALA A 202 -19.81 -1.41 17.03
N GLU A 203 -19.97 -0.10 17.23
CA GLU A 203 -18.83 0.81 17.21
C GLU A 203 -17.95 0.64 18.45
N MET A 204 -18.54 0.30 19.59
CA MET A 204 -17.75 0.00 20.79
C MET A 204 -16.98 -1.31 20.64
N PHE A 205 -17.62 -2.34 20.07
CA PHE A 205 -16.93 -3.57 19.68
C PHE A 205 -15.82 -3.28 18.67
N LYS A 206 -16.12 -2.47 17.65
CA LYS A 206 -15.11 -2.12 16.64
C LYS A 206 -13.88 -1.44 17.29
N ASP A 207 -14.13 -0.49 18.18
CA ASP A 207 -13.07 0.21 18.92
C ASP A 207 -12.24 -0.73 19.81
N ALA A 208 -12.91 -1.66 20.50
CA ALA A 208 -12.23 -2.63 21.36
C ALA A 208 -11.35 -3.57 20.54
N VAL A 209 -11.91 -4.08 19.45
CA VAL A 209 -11.21 -4.98 18.52
C VAL A 209 -10.03 -4.28 17.86
N LYS A 210 -10.22 -3.00 17.52
CA LYS A 210 -9.12 -2.12 17.07
C LYS A 210 -7.97 -2.07 18.10
N GLY A 211 -8.32 -2.05 19.39
CA GLY A 211 -7.34 -1.96 20.47
C GLY A 211 -6.48 -3.20 20.64
N LEU A 212 -6.80 -4.25 19.88
CA LEU A 212 -6.02 -5.50 19.91
C LEU A 212 -4.94 -5.52 18.87
N ARG A 213 -4.79 -4.43 18.12
CA ARG A 213 -3.75 -4.31 17.11
C ARG A 213 -2.36 -4.41 17.75
N GLY A 214 -1.50 -5.24 17.15
CA GLY A 214 -0.13 -5.41 17.65
C GLY A 214 0.03 -6.58 18.58
N PHE A 215 -1.10 -7.05 19.13
CA PHE A 215 -1.14 -8.22 19.99
C PHE A 215 -1.60 -9.44 19.20
N SER A 216 -0.63 -10.26 18.81
CA SER A 216 -0.87 -11.43 17.96
C SER A 216 -1.21 -12.67 18.78
N ALA A 217 -1.16 -12.52 20.10
CA ALA A 217 -1.52 -13.60 21.01
C ALA A 217 -3.00 -13.96 20.90
N PRO A 218 -3.37 -15.21 21.28
CA PRO A 218 -4.78 -15.60 21.36
C PRO A 218 -5.63 -14.61 22.17
N THR A 219 -6.85 -14.38 21.72
CA THR A 219 -7.75 -13.42 22.34
C THR A 219 -8.97 -14.08 22.96
N MET A 220 -9.16 -13.84 24.26
CA MET A 220 -10.28 -14.41 25.01
C MET A 220 -11.47 -13.47 25.05
N VAL A 221 -12.64 -13.98 24.67
CA VAL A 221 -13.89 -13.24 24.73
C VAL A 221 -14.85 -13.92 25.72
N SER A 222 -15.51 -13.11 26.54
CA SER A 222 -16.44 -13.64 27.54
C SER A 222 -17.69 -12.78 27.60
N PHE A 223 -18.84 -13.43 27.78
CA PHE A 223 -20.12 -12.72 27.94
C PHE A 223 -21.15 -13.53 28.75
N GLY A 224 -22.39 -13.04 28.77
CA GLY A 224 -23.50 -13.70 29.47
C GLY A 224 -24.82 -13.02 29.16
N GLU A 225 -25.92 -13.51 29.76
CA GLU A 225 -27.24 -12.93 29.54
C GLU A 225 -27.28 -11.46 29.95
N ASN A 226 -27.34 -10.60 28.94
CA ASN A 226 -27.44 -9.15 29.14
C ASN A 226 -26.40 -8.58 30.11
N LEU A 227 -25.16 -9.04 29.94
CA LEU A 227 -24.05 -8.64 30.80
C LEU A 227 -22.87 -8.11 29.96
N PRO A 228 -21.90 -7.43 30.61
CA PRO A 228 -20.71 -6.95 29.90
C PRO A 228 -20.02 -8.01 29.06
N MET A 229 -19.41 -7.60 27.95
CA MET A 229 -18.46 -8.43 27.24
C MET A 229 -17.05 -8.06 27.70
N LYS A 230 -16.26 -9.07 28.03
CA LYS A 230 -14.85 -8.89 28.35
C LYS A 230 -14.00 -9.42 27.20
N ILE A 231 -13.07 -8.60 26.72
CA ILE A 231 -12.10 -9.03 25.73
C ILE A 231 -10.71 -8.88 26.34
N ASP A 232 -9.97 -9.99 26.39
CA ASP A 232 -8.69 -10.05 27.10
C ASP A 232 -7.61 -10.66 26.21
N VAL A 233 -6.41 -10.09 26.28
CA VAL A 233 -5.25 -10.58 25.53
C VAL A 233 -3.98 -10.27 26.32
N GLU A 234 -3.11 -11.26 26.44
CA GLU A 234 -1.78 -11.05 27.00
C GLU A 234 -0.78 -10.71 25.89
N ALA A 235 0.10 -9.75 26.16
CA ALA A 235 1.17 -9.41 25.24
C ALA A 235 2.23 -10.52 25.24
N VAL A 236 2.90 -10.70 24.09
CA VAL A 236 3.89 -11.78 23.91
C VAL A 236 4.93 -11.79 25.03
N SER A 237 5.38 -10.60 25.42
CA SER A 237 6.35 -10.43 26.49
C SER A 237 5.72 -10.31 27.89
N GLY A 238 4.38 -10.37 27.95
CA GLY A 238 3.66 -10.27 29.21
C GLY A 238 2.89 -8.98 29.39
N GLY A 239 1.89 -9.00 30.27
CA GLY A 239 0.99 -7.86 30.46
C GLY A 239 -0.30 -8.05 29.69
N HIS A 240 -1.40 -7.58 30.25
CA HIS A 240 -2.72 -7.76 29.66
C HIS A 240 -3.35 -6.46 29.17
N MET A 241 -3.95 -6.53 28.00
CA MET A 241 -4.81 -5.48 27.48
C MET A 241 -6.23 -6.01 27.63
N ILE A 242 -7.07 -5.27 28.35
CA ILE A 242 -8.44 -5.71 28.63
C ILE A 242 -9.48 -4.68 28.17
N PHE A 243 -10.59 -5.19 27.62
CA PHE A 243 -11.71 -4.35 27.19
C PHE A 243 -13.03 -4.86 27.75
N TRP A 244 -13.75 -3.99 28.44
CA TRP A 244 -15.09 -4.28 28.94
C TRP A 244 -16.12 -3.44 28.17
N ILE A 245 -17.17 -4.08 27.65
CA ILE A 245 -18.22 -3.37 26.92
C ILE A 245 -19.59 -3.57 27.56
N ALA A 246 -20.22 -2.47 27.97
CA ALA A 246 -21.55 -2.49 28.57
C ALA A 246 -22.59 -3.04 27.59
N PRO A 247 -23.50 -3.92 28.06
CA PRO A 247 -24.50 -4.48 27.16
C PRO A 247 -25.62 -3.48 26.81
N ARG A 248 -26.41 -3.83 25.82
CA ARG A 248 -27.60 -3.08 25.43
C ARG A 248 -28.83 -3.60 26.16
N LEU A 249 -29.46 -2.73 26.94
CA LEU A 249 -30.64 -3.12 27.71
C LEU A 249 -31.86 -2.31 27.30
N MET B 1 -32.92 -19.22 -7.04
CA MET B 1 -31.72 -20.02 -7.45
C MET B 1 -30.73 -20.26 -6.31
N LYS B 2 -29.82 -21.21 -6.50
CA LYS B 2 -28.74 -21.47 -5.56
C LYS B 2 -27.50 -21.91 -6.33
N ALA B 3 -26.36 -21.30 -6.01
CA ALA B 3 -25.12 -21.55 -6.74
C ALA B 3 -23.89 -21.40 -5.84
N LYS B 4 -23.01 -22.40 -5.89
CA LYS B 4 -21.79 -22.38 -5.11
C LYS B 4 -20.61 -22.09 -6.03
N VAL B 5 -19.99 -20.93 -5.86
CA VAL B 5 -18.71 -20.66 -6.49
C VAL B 5 -17.59 -20.91 -5.48
N ILE B 6 -16.68 -21.83 -5.80
CA ILE B 6 -15.62 -22.20 -4.86
C ILE B 6 -14.60 -21.08 -4.71
N ASP B 7 -14.12 -20.55 -5.83
CA ASP B 7 -13.17 -19.44 -5.79
C ASP B 7 -13.91 -18.11 -5.69
N ALA B 8 -14.38 -17.82 -4.47
CA ALA B 8 -15.13 -16.60 -4.19
C ALA B 8 -14.36 -15.32 -4.51
N VAL B 9 -13.05 -15.32 -4.22
CA VAL B 9 -12.18 -14.17 -4.47
C VAL B 9 -12.18 -13.76 -5.95
N SER B 10 -11.94 -14.72 -6.85
CA SER B 10 -11.94 -14.43 -8.28
C SER B 10 -13.31 -13.91 -8.71
N PHE B 11 -14.38 -14.55 -8.24
CA PHE B 11 -15.76 -14.08 -8.50
C PHE B 11 -15.96 -12.63 -8.08
N SER B 12 -15.35 -12.27 -6.94
CA SER B 12 -15.47 -10.89 -6.45
C SER B 12 -14.74 -9.90 -7.38
N TYR B 13 -13.62 -10.32 -7.96
CA TYR B 13 -12.91 -9.48 -8.94
C TYR B 13 -13.69 -9.28 -10.24
N ILE B 14 -14.42 -10.29 -10.68
CA ILE B 14 -15.36 -10.11 -11.78
C ILE B 14 -16.37 -9.00 -11.47
N LEU B 15 -17.06 -9.10 -10.34
CA LEU B 15 -18.07 -8.12 -9.95
C LEU B 15 -17.51 -6.75 -9.59
N ARG B 16 -16.26 -6.71 -9.12
CA ARG B 16 -15.55 -5.43 -8.97
C ARG B 16 -15.41 -4.73 -10.32
N THR B 17 -14.95 -5.47 -11.33
CA THR B 17 -14.84 -4.97 -12.70
C THR B 17 -16.18 -4.47 -13.24
N VAL B 18 -17.26 -5.23 -13.03
CA VAL B 18 -18.59 -4.81 -13.50
C VAL B 18 -19.00 -3.50 -12.81
N GLY B 19 -18.61 -3.37 -11.54
CA GLY B 19 -18.90 -2.17 -10.73
C GLY B 19 -18.21 -0.90 -11.21
N ASP B 20 -17.08 -1.06 -11.88
CA ASP B 20 -16.38 0.09 -12.45
C ASP B 20 -17.19 0.71 -13.59
N PHE B 21 -18.08 -0.07 -14.20
CA PHE B 21 -18.89 0.46 -15.31
C PHE B 21 -20.37 0.70 -14.99
N LEU B 22 -20.94 -0.12 -14.13
CA LEU B 22 -22.39 -0.10 -13.92
C LEU B 22 -22.71 0.25 -12.47
N SER B 23 -23.80 1.01 -12.30
CA SER B 23 -24.40 1.29 -11.00
C SER B 23 -25.26 0.11 -10.56
N GLU B 24 -26.12 -0.32 -11.46
CA GLU B 24 -27.08 -1.38 -11.17
C GLU B 24 -26.99 -2.43 -12.24
N ALA B 25 -27.40 -3.64 -11.91
CA ALA B 25 -27.47 -4.70 -12.90
C ALA B 25 -28.44 -5.81 -12.49
N ASN B 26 -28.60 -6.77 -13.39
CA ASN B 26 -29.41 -7.95 -13.14
C ASN B 26 -28.55 -9.16 -13.35
N PHE B 27 -28.60 -10.11 -12.41
CA PHE B 27 -28.17 -11.47 -12.69
C PHE B 27 -29.36 -12.07 -13.44
N ILE B 28 -29.14 -12.50 -14.67
CA ILE B 28 -30.17 -13.22 -15.42
C ILE B 28 -29.93 -14.73 -15.35
N VAL B 29 -30.80 -15.40 -14.62
CA VAL B 29 -30.59 -16.78 -14.20
C VAL B 29 -31.47 -17.75 -15.01
N THR B 30 -30.80 -18.69 -15.68
CA THR B 30 -31.47 -19.76 -16.42
C THR B 30 -30.69 -21.05 -16.20
N LYS B 31 -31.25 -22.16 -16.67
CA LYS B 31 -30.65 -23.47 -16.56
C LYS B 31 -29.20 -23.51 -17.04
N GLU B 32 -28.91 -22.80 -18.13
CA GLU B 32 -27.56 -22.77 -18.68
C GLU B 32 -26.56 -21.92 -17.88
N GLY B 33 -27.05 -20.99 -17.05
CA GLY B 33 -26.16 -20.21 -16.20
C GLY B 33 -26.62 -18.82 -15.81
N ILE B 34 -25.66 -17.97 -15.44
CA ILE B 34 -25.96 -16.62 -15.01
C ILE B 34 -25.36 -15.60 -15.97
N ARG B 35 -26.21 -14.70 -16.49
CA ARG B 35 -25.73 -13.61 -17.34
C ARG B 35 -25.83 -12.22 -16.67
N VAL B 36 -24.77 -11.43 -16.79
CA VAL B 36 -24.82 -10.01 -16.43
C VAL B 36 -24.36 -9.12 -17.60
N SER B 37 -25.26 -8.28 -18.08
CA SER B 37 -24.91 -7.33 -19.10
C SER B 37 -25.39 -5.91 -18.80
N GLY B 38 -24.71 -4.93 -19.37
CA GLY B 38 -25.14 -3.56 -19.24
C GLY B 38 -24.25 -2.58 -19.98
N ILE B 39 -24.71 -1.34 -20.01
CA ILE B 39 -24.02 -0.26 -20.68
C ILE B 39 -23.72 0.78 -19.59
N ASP B 40 -22.51 1.33 -19.60
CA ASP B 40 -22.10 2.30 -18.60
C ASP B 40 -22.89 3.61 -18.77
N PRO B 41 -23.00 4.45 -17.72
CA PRO B 41 -23.83 5.66 -17.87
C PRO B 41 -23.40 6.59 -19.01
N SER B 42 -22.14 6.55 -19.41
CA SER B 42 -21.65 7.37 -20.53
C SER B 42 -21.86 6.74 -21.94
N ARG B 43 -22.36 5.50 -21.98
CA ARG B 43 -22.58 4.72 -23.20
C ARG B 43 -21.35 4.47 -24.07
N VAL B 44 -20.19 4.32 -23.45
CA VAL B 44 -18.99 4.06 -24.21
C VAL B 44 -18.64 2.57 -24.11
N VAL B 45 -19.11 1.94 -23.03
CA VAL B 45 -18.79 0.56 -22.73
C VAL B 45 -20.05 -0.28 -22.52
N PHE B 46 -20.08 -1.43 -23.21
CA PHE B 46 -21.07 -2.47 -22.99
C PHE B 46 -20.30 -3.69 -22.52
N LEU B 47 -20.78 -4.31 -21.44
CA LEU B 47 -20.19 -5.53 -20.90
C LEU B 47 -21.23 -6.66 -20.90
N ASP B 48 -20.74 -7.90 -21.00
CA ASP B 48 -21.60 -9.08 -21.13
C ASP B 48 -20.81 -10.21 -20.47
N ILE B 49 -21.24 -10.59 -19.27
CA ILE B 49 -20.60 -11.67 -18.55
C ILE B 49 -21.48 -12.92 -18.63
N PHE B 50 -20.89 -14.04 -19.02
CA PHE B 50 -21.60 -15.32 -18.95
C PHE B 50 -20.91 -16.32 -18.02
N LEU B 51 -21.62 -16.73 -16.98
CA LEU B 51 -21.15 -17.73 -16.02
C LEU B 51 -22.02 -19.00 -16.14
N PRO B 52 -21.53 -20.01 -16.89
CA PRO B 52 -22.26 -21.27 -17.13
C PRO B 52 -22.52 -22.08 -15.85
N SER B 53 -23.57 -22.89 -15.87
CA SER B 53 -23.87 -23.83 -14.78
C SER B 53 -22.65 -24.53 -14.21
N SER B 54 -21.80 -25.06 -15.09
CA SER B 54 -20.59 -25.77 -14.72
C SER B 54 -19.47 -24.90 -14.13
N TYR B 55 -19.53 -23.60 -14.36
CA TYR B 55 -18.64 -22.66 -13.65
C TYR B 55 -18.87 -22.79 -12.13
N PHE B 56 -20.11 -23.08 -11.76
CA PHE B 56 -20.48 -23.22 -10.36
C PHE B 56 -20.36 -24.66 -9.87
N GLU B 57 -19.80 -24.79 -8.68
CA GLU B 57 -19.52 -26.06 -8.06
C GLU B 57 -20.77 -26.59 -7.36
N GLY B 58 -21.90 -26.44 -8.04
CA GLY B 58 -23.23 -26.78 -7.53
C GLY B 58 -24.18 -25.68 -7.96
N PHE B 59 -25.17 -26.02 -8.77
CA PHE B 59 -26.02 -25.03 -9.43
C PHE B 59 -27.45 -25.53 -9.60
N GLU B 60 -28.43 -24.73 -9.16
CA GLU B 60 -29.84 -25.09 -9.30
C GLU B 60 -30.78 -23.90 -9.41
N VAL B 61 -31.78 -24.03 -10.28
CA VAL B 61 -32.70 -22.95 -10.61
C VAL B 61 -34.14 -23.33 -10.24
N SER B 62 -34.85 -22.36 -9.67
CA SER B 62 -36.22 -22.58 -9.18
C SER B 62 -37.30 -22.19 -10.19
N GLN B 63 -36.88 -21.79 -11.39
CA GLN B 63 -37.78 -21.38 -12.45
C GLN B 63 -37.07 -21.44 -13.81
N GLU B 64 -37.78 -21.00 -14.87
CA GLU B 64 -37.18 -20.93 -16.21
C GLU B 64 -36.18 -19.79 -16.26
N LYS B 65 -36.65 -18.61 -15.92
CA LYS B 65 -35.86 -17.39 -15.96
C LYS B 65 -36.14 -16.54 -14.71
N GLU B 66 -35.11 -16.41 -13.87
CA GLU B 66 -35.17 -15.56 -12.68
C GLU B 66 -34.32 -14.31 -12.90
N ILE B 67 -34.91 -13.14 -12.61
CA ILE B 67 -34.25 -11.86 -12.80
C ILE B 67 -33.94 -11.20 -11.44
N ILE B 68 -32.65 -10.99 -11.18
CA ILE B 68 -32.20 -10.55 -9.85
C ILE B 68 -31.49 -9.19 -9.92
N GLY B 69 -32.26 -8.14 -9.63
CA GLY B 69 -31.76 -6.76 -9.69
C GLY B 69 -31.05 -6.32 -8.44
N PHE B 70 -29.90 -5.69 -8.63
CA PHE B 70 -29.01 -5.34 -7.55
C PHE B 70 -28.21 -4.08 -7.84
N LYS B 71 -27.90 -3.35 -6.78
CA LYS B 71 -27.00 -2.21 -6.87
C LYS B 71 -25.57 -2.72 -6.67
N LEU B 72 -24.69 -2.36 -7.59
CA LEU B 72 -23.32 -2.89 -7.58
C LEU B 72 -22.48 -2.51 -6.38
N GLU B 73 -22.74 -1.32 -5.81
CA GLU B 73 -22.02 -0.88 -4.64
C GLU B 73 -22.40 -1.75 -3.43
N ASP B 74 -23.71 -2.03 -3.29
CA ASP B 74 -24.21 -2.90 -2.22
C ASP B 74 -23.64 -4.33 -2.28
N VAL B 75 -23.67 -4.97 -3.46
CA VAL B 75 -23.08 -6.30 -3.64
C VAL B 75 -21.56 -6.29 -3.48
N ASN B 76 -20.89 -5.29 -4.06
CA ASN B 76 -19.43 -5.17 -3.93
C ASN B 76 -18.99 -4.78 -2.52
N ASP B 77 -19.87 -4.08 -1.79
CA ASP B 77 -19.69 -3.84 -0.36
C ASP B 77 -19.59 -5.17 0.41
N ILE B 78 -20.49 -6.10 0.10
CA ILE B 78 -20.53 -7.40 0.78
C ILE B 78 -19.34 -8.24 0.33
N LEU B 79 -19.03 -8.19 -0.96
CA LEU B 79 -17.92 -8.95 -1.54
C LEU B 79 -16.53 -8.50 -1.07
N LYS B 80 -16.40 -7.23 -0.71
CA LYS B 80 -15.18 -6.71 -0.08
C LYS B 80 -14.85 -7.45 1.21
N ARG B 81 -15.84 -8.16 1.75
CA ARG B 81 -15.72 -8.88 3.03
C ARG B 81 -15.20 -10.30 2.89
N VAL B 82 -15.13 -10.79 1.64
CA VAL B 82 -14.58 -12.10 1.33
C VAL B 82 -13.19 -12.29 1.93
N LEU B 83 -12.93 -13.49 2.43
CA LEU B 83 -11.59 -13.86 2.87
C LEU B 83 -10.90 -14.75 1.82
N LYS B 84 -9.58 -14.88 1.94
CA LYS B 84 -8.81 -15.80 1.14
C LYS B 84 -9.28 -17.21 1.50
N ASP B 85 -9.61 -18.00 0.48
CA ASP B 85 -10.07 -19.40 0.63
C ASP B 85 -11.58 -19.55 0.82
N ASP B 86 -12.29 -18.43 1.00
CA ASP B 86 -13.75 -18.46 1.10
C ASP B 86 -14.40 -19.13 -0.11
N THR B 87 -15.38 -19.97 0.19
CA THR B 87 -16.39 -20.44 -0.73
C THR B 87 -17.52 -19.39 -0.72
N LEU B 88 -18.34 -19.35 -1.77
CA LEU B 88 -19.51 -18.46 -1.78
C LEU B 88 -20.77 -19.15 -2.32
N ILE B 89 -21.85 -19.10 -1.55
CA ILE B 89 -23.16 -19.53 -2.03
C ILE B 89 -24.02 -18.30 -2.30
N LEU B 90 -24.61 -18.25 -3.48
CA LEU B 90 -25.57 -17.21 -3.83
C LEU B 90 -26.95 -17.84 -3.86
N SER B 91 -27.82 -17.38 -2.96
CA SER B 91 -29.14 -17.95 -2.76
C SER B 91 -30.19 -16.87 -2.98
N SER B 92 -31.33 -17.22 -3.54
CA SER B 92 -32.31 -16.21 -3.95
C SER B 92 -33.78 -16.59 -3.77
N ASN B 93 -34.60 -15.58 -3.55
CA ASN B 93 -36.06 -15.68 -3.60
C ASN B 93 -36.72 -14.38 -4.09
N GLU B 94 -38.04 -14.28 -3.95
CA GLU B 94 -38.82 -13.13 -4.47
C GLU B 94 -38.37 -11.77 -3.94
N SER B 95 -37.78 -11.75 -2.75
CA SER B 95 -37.47 -10.50 -2.08
C SER B 95 -35.97 -10.26 -1.92
N LYS B 96 -35.21 -11.33 -1.75
CA LYS B 96 -33.85 -11.19 -1.24
C LYS B 96 -32.81 -12.06 -1.92
N LEU B 97 -31.60 -11.49 -2.04
CA LEU B 97 -30.40 -12.22 -2.43
C LEU B 97 -29.56 -12.40 -1.17
N THR B 98 -29.18 -13.65 -0.91
CA THR B 98 -28.29 -13.96 0.21
C THR B 98 -26.91 -14.34 -0.30
N LEU B 99 -25.87 -13.79 0.33
CA LEU B 99 -24.48 -14.13 0.04
C LEU B 99 -23.82 -14.77 1.26
N THR B 100 -23.48 -16.04 1.13
CA THR B 100 -22.90 -16.83 2.22
C THR B 100 -21.43 -17.17 1.96
N PHE B 101 -20.56 -16.75 2.87
CA PHE B 101 -19.13 -17.10 2.80
C PHE B 101 -18.81 -18.30 3.68
N ASP B 102 -17.96 -19.20 3.17
CA ASP B 102 -17.54 -20.40 3.93
C ASP B 102 -16.02 -20.54 3.91
N GLY B 103 -15.42 -20.75 5.07
CA GLY B 103 -13.96 -20.90 5.16
C GLY B 103 -13.46 -21.00 6.58
N GLU B 104 -12.84 -19.93 7.07
CA GLU B 104 -12.45 -19.80 8.48
C GLU B 104 -13.69 -20.09 9.34
N PHE B 105 -14.81 -19.45 8.98
CA PHE B 105 -16.11 -19.72 9.58
C PHE B 105 -17.23 -19.31 8.63
N THR B 106 -18.48 -19.62 9.00
CA THR B 106 -19.62 -19.27 8.15
C THR B 106 -20.20 -17.91 8.51
N ARG B 107 -20.51 -17.11 7.49
CA ARG B 107 -21.12 -15.80 7.69
C ARG B 107 -21.94 -15.43 6.49
N SER B 108 -23.10 -14.84 6.74
CA SER B 108 -24.04 -14.56 5.66
C SER B 108 -24.54 -13.13 5.64
N PHE B 109 -24.70 -12.62 4.42
CA PHE B 109 -25.19 -11.26 4.19
C PHE B 109 -26.45 -11.28 3.32
N GLU B 110 -27.47 -10.58 3.80
CA GLU B 110 -28.78 -10.54 3.18
C GLU B 110 -28.95 -9.22 2.43
N LEU B 111 -29.40 -9.31 1.19
CA LEU B 111 -29.59 -8.11 0.37
C LEU B 111 -30.95 -8.07 -0.30
N PRO B 112 -31.75 -7.03 0.01
CA PRO B 112 -33.06 -6.90 -0.63
C PRO B 112 -32.90 -6.67 -2.13
N LEU B 113 -33.70 -7.35 -2.94
CA LEU B 113 -33.63 -7.18 -4.39
C LEU B 113 -34.20 -5.82 -4.79
N ILE B 114 -33.57 -5.22 -5.79
CA ILE B 114 -34.05 -3.96 -6.35
C ILE B 114 -34.51 -4.21 -7.79
N GLN B 115 -35.47 -3.42 -8.26
CA GLN B 115 -35.93 -3.53 -9.64
C GLN B 115 -34.98 -2.76 -10.56
N VAL B 116 -34.47 -3.47 -11.57
CA VAL B 116 -33.52 -2.91 -12.51
C VAL B 116 -34.00 -3.21 -13.92
N GLU B 117 -34.28 -2.16 -14.69
CA GLU B 117 -34.73 -2.31 -16.08
C GLU B 117 -33.62 -2.86 -16.98
N SER B 118 -34.02 -3.74 -17.90
CA SER B 118 -33.05 -4.43 -18.76
C SER B 118 -32.39 -3.48 -19.77
N THR B 119 -31.13 -3.76 -20.09
CA THR B 119 -30.43 -2.98 -21.12
C THR B 119 -30.89 -3.43 -22.50
N GLN B 120 -31.14 -2.45 -23.36
CA GLN B 120 -31.25 -2.68 -24.78
C GLN B 120 -29.79 -2.78 -25.27
N PRO B 121 -29.33 -4.00 -25.60
CA PRO B 121 -27.96 -4.25 -26.03
C PRO B 121 -27.63 -3.58 -27.37
N PRO B 122 -26.36 -3.15 -27.55
CA PRO B 122 -25.94 -2.60 -28.83
C PRO B 122 -25.62 -3.72 -29.82
N SER B 123 -25.37 -3.31 -31.07
CA SER B 123 -24.75 -4.15 -32.11
C SER B 123 -23.48 -4.79 -31.60
N VAL B 124 -23.50 -6.11 -31.48
CA VAL B 124 -22.38 -6.81 -30.88
C VAL B 124 -21.70 -7.73 -31.89
N ASN B 125 -22.49 -8.25 -32.82
CA ASN B 125 -21.99 -9.19 -33.82
C ASN B 125 -21.34 -8.45 -34.98
N LEU B 126 -20.18 -7.91 -34.68
CA LEU B 126 -19.41 -7.10 -35.60
C LEU B 126 -18.32 -7.97 -36.25
N GLU B 127 -17.88 -7.53 -37.43
CA GLU B 127 -16.77 -8.16 -38.13
C GLU B 127 -15.53 -7.35 -37.81
N PHE B 128 -14.76 -7.86 -36.86
CA PHE B 128 -13.50 -7.28 -36.48
C PHE B 128 -12.42 -7.73 -37.46
N PRO B 129 -11.74 -6.77 -38.11
CA PRO B 129 -10.64 -7.08 -39.05
C PRO B 129 -9.39 -7.61 -38.37
N PHE B 130 -9.26 -7.39 -37.07
CA PHE B 130 -8.11 -7.89 -36.34
C PHE B 130 -8.51 -8.61 -35.07
N LYS B 131 -7.88 -9.78 -34.86
CA LYS B 131 -8.13 -10.63 -33.70
C LYS B 131 -6.78 -11.12 -33.11
N ALA B 132 -6.61 -11.01 -31.80
CA ALA B 132 -5.45 -11.63 -31.13
C ALA B 132 -5.89 -12.41 -29.92
N GLN B 133 -5.09 -13.42 -29.55
CA GLN B 133 -5.21 -14.11 -28.28
C GLN B 133 -3.90 -13.94 -27.50
N LEU B 134 -4.01 -13.74 -26.19
CA LEU B 134 -2.82 -13.54 -25.37
C LEU B 134 -3.10 -13.96 -23.92
N LEU B 135 -2.04 -14.07 -23.13
CA LEU B 135 -2.24 -14.32 -21.70
C LEU B 135 -2.87 -13.09 -21.07
N THR B 136 -3.85 -13.27 -20.20
CA THR B 136 -4.43 -12.13 -19.51
C THR B 136 -3.41 -11.41 -18.62
N ILE B 137 -2.45 -12.14 -18.05
CA ILE B 137 -1.38 -11.48 -17.28
C ILE B 137 -0.57 -10.50 -18.13
N THR B 138 -0.21 -10.91 -19.36
CA THR B 138 0.54 -10.06 -20.29
C THR B 138 -0.20 -8.75 -20.53
N PHE B 139 -1.47 -8.85 -20.92
CA PHE B 139 -2.32 -7.68 -21.13
C PHE B 139 -2.36 -6.77 -19.89
N ALA B 140 -2.65 -7.37 -18.75
CA ALA B 140 -2.93 -6.60 -17.53
C ALA B 140 -1.71 -5.81 -17.06
N ASP B 141 -0.54 -6.46 -17.14
CA ASP B 141 0.74 -5.82 -16.80
C ASP B 141 1.06 -4.60 -17.67
N ILE B 142 0.94 -4.78 -18.99
CA ILE B 142 1.15 -3.72 -19.97
C ILE B 142 0.19 -2.56 -19.79
N ILE B 143 -1.09 -2.86 -19.57
CA ILE B 143 -2.06 -1.78 -19.37
C ILE B 143 -1.87 -1.03 -18.08
N ASP B 144 -1.56 -1.77 -16.99
CA ASP B 144 -1.23 -1.15 -15.71
C ASP B 144 -0.06 -0.17 -15.85
N GLU B 145 0.97 -0.59 -16.59
CA GLU B 145 2.16 0.23 -16.84
C GLU B 145 1.90 1.47 -17.70
N LEU B 146 0.97 1.38 -18.64
CA LEU B 146 0.67 2.49 -19.54
C LEU B 146 -0.43 3.41 -18.99
N SER B 147 -1.24 2.91 -18.05
CA SER B 147 -2.44 3.59 -17.58
C SER B 147 -2.22 4.95 -16.92
N ASP B 148 -1.03 5.19 -16.37
CA ASP B 148 -0.74 6.47 -15.77
C ASP B 148 -0.01 7.41 -16.73
N LEU B 149 0.24 6.94 -17.96
CA LEU B 149 1.00 7.75 -18.92
C LEU B 149 0.15 8.72 -19.72
N GLY B 150 -1.14 8.44 -19.88
CA GLY B 150 -2.02 9.33 -20.66
C GLY B 150 -3.48 8.87 -20.56
N GLU B 151 -4.38 9.69 -21.08
CA GLU B 151 -5.82 9.37 -21.02
C GLU B 151 -6.27 8.54 -22.22
N VAL B 152 -5.43 8.43 -23.24
CA VAL B 152 -5.83 7.77 -24.47
C VAL B 152 -4.85 6.67 -24.82
N LEU B 153 -5.38 5.47 -25.05
CA LEU B 153 -4.60 4.36 -25.56
C LEU B 153 -4.83 4.21 -27.08
N ASN B 154 -3.78 4.39 -27.88
CA ASN B 154 -3.77 4.05 -29.30
C ASN B 154 -3.40 2.56 -29.49
N ILE B 155 -4.12 1.89 -30.38
CA ILE B 155 -3.83 0.49 -30.67
C ILE B 155 -3.75 0.35 -32.17
N HIS B 156 -2.68 -0.25 -32.67
CA HIS B 156 -2.61 -0.51 -34.10
C HIS B 156 -1.94 -1.84 -34.41
N SER B 157 -2.28 -2.42 -35.54
CA SER B 157 -1.72 -3.70 -35.98
C SER B 157 -0.89 -3.42 -37.20
N LYS B 158 0.23 -4.13 -37.33
CA LYS B 158 1.09 -4.05 -38.51
C LYS B 158 1.66 -5.43 -38.79
N GLU B 159 1.40 -5.96 -40.00
CA GLU B 159 1.76 -7.34 -40.39
C GLU B 159 1.64 -8.38 -39.27
N ASN B 160 0.48 -8.34 -38.60
CA ASN B 160 0.11 -9.25 -37.50
C ASN B 160 0.75 -8.99 -36.11
N LYS B 161 1.57 -7.97 -36.02
CA LYS B 161 2.07 -7.54 -34.71
C LYS B 161 1.09 -6.51 -34.17
N LEU B 162 0.94 -6.47 -32.85
CA LEU B 162 -0.02 -5.57 -32.21
C LEU B 162 0.69 -4.52 -31.35
N TYR B 163 0.32 -3.25 -31.52
CA TYR B 163 0.99 -2.15 -30.83
C TYR B 163 0.03 -1.42 -29.92
N PHE B 164 0.47 -1.22 -28.68
CA PHE B 164 -0.20 -0.32 -27.72
C PHE B 164 0.71 0.89 -27.56
N GLU B 165 0.15 2.07 -27.77
CA GLU B 165 0.90 3.31 -27.71
C GLU B 165 0.17 4.37 -26.91
N VAL B 166 0.97 5.20 -26.24
CA VAL B 166 0.49 6.43 -25.62
C VAL B 166 1.27 7.56 -26.27
N ILE B 167 0.54 8.45 -26.94
CA ILE B 167 1.16 9.56 -27.68
C ILE B 167 1.00 10.88 -26.97
N GLY B 168 2.11 11.61 -26.87
CA GLY B 168 2.16 12.93 -26.26
C GLY B 168 2.87 13.86 -27.22
N ASP B 169 2.85 15.15 -26.92
CA ASP B 169 3.52 16.17 -27.72
C ASP B 169 5.05 15.97 -27.64
N LEU B 170 5.56 15.58 -26.48
CA LEU B 170 7.01 15.45 -26.28
C LEU B 170 7.53 14.03 -25.97
N SER B 171 6.69 13.03 -26.16
CA SER B 171 7.00 11.66 -25.75
C SER B 171 5.99 10.69 -26.31
N THR B 172 6.45 9.52 -26.73
CA THR B 172 5.56 8.40 -27.10
C THR B 172 6.02 7.15 -26.38
N ALA B 173 5.06 6.40 -25.83
CA ALA B 173 5.34 5.09 -25.25
C ALA B 173 4.78 4.08 -26.22
N LYS B 174 5.55 3.02 -26.46
CA LYS B 174 5.17 2.02 -27.43
C LYS B 174 5.49 0.62 -26.88
N VAL B 175 4.56 -0.29 -27.03
CA VAL B 175 4.81 -1.71 -26.72
C VAL B 175 4.40 -2.54 -27.95
N GLU B 176 5.29 -3.44 -28.39
CA GLU B 176 5.05 -4.30 -29.55
C GLU B 176 4.79 -5.73 -29.08
N LEU B 177 3.59 -6.25 -29.38
CA LEU B 177 3.24 -7.62 -29.05
C LEU B 177 3.19 -8.43 -30.33
N SER B 178 3.72 -9.65 -30.30
CA SER B 178 3.78 -10.50 -31.48
C SER B 178 3.86 -11.98 -31.11
N THR B 179 3.40 -12.85 -32.02
CA THR B 179 3.64 -14.29 -31.82
C THR B 179 5.14 -14.57 -31.77
N ASP B 180 5.91 -13.81 -32.55
CA ASP B 180 7.37 -13.92 -32.58
C ASP B 180 8.09 -13.80 -31.23
N ASN B 181 7.81 -12.75 -30.47
CA ASN B 181 8.48 -12.55 -29.18
C ASN B 181 7.83 -13.37 -28.06
N GLY B 182 6.77 -14.12 -28.41
CA GLY B 182 6.00 -14.96 -27.45
C GLY B 182 4.86 -14.27 -26.67
N THR B 183 4.63 -12.99 -26.91
CA THR B 183 3.62 -12.24 -26.12
C THR B 183 2.17 -12.40 -26.57
N LEU B 184 1.99 -12.76 -27.83
CA LEU B 184 0.68 -13.16 -28.34
C LEU B 184 0.74 -14.65 -28.62
N LEU B 185 -0.34 -15.37 -28.30
CA LEU B 185 -0.41 -16.79 -28.61
C LEU B 185 -0.90 -16.97 -30.03
N GLU B 186 -1.78 -16.07 -30.47
CA GLU B 186 -2.23 -16.01 -31.88
C GLU B 186 -2.51 -14.55 -32.28
N ALA B 187 -2.32 -14.22 -33.57
CA ALA B 187 -2.67 -12.90 -34.11
C ALA B 187 -2.80 -12.93 -35.62
N SER B 188 -3.86 -12.33 -36.12
CA SER B 188 -4.15 -12.33 -37.54
C SER B 188 -5.11 -11.22 -37.92
N GLY B 189 -4.89 -10.65 -39.09
CA GLY B 189 -5.83 -9.68 -39.66
C GLY B 189 -5.17 -8.46 -40.29
N ALA B 190 -6.01 -7.54 -40.75
CA ALA B 190 -5.58 -6.36 -41.49
C ALA B 190 -4.84 -5.39 -40.58
N ASP B 191 -4.09 -4.49 -41.20
CA ASP B 191 -3.43 -3.40 -40.53
C ASP B 191 -4.50 -2.33 -40.25
N VAL B 192 -4.81 -2.15 -38.97
CA VAL B 192 -5.89 -1.21 -38.54
C VAL B 192 -5.38 -0.46 -37.34
N SER B 193 -5.99 0.70 -37.07
CA SER B 193 -5.52 1.62 -36.01
C SER B 193 -6.75 2.32 -35.41
N SER B 194 -6.80 2.40 -34.08
CA SER B 194 -7.85 3.14 -33.36
C SER B 194 -7.34 3.56 -31.99
N SER B 195 -8.06 4.50 -31.40
CA SER B 195 -7.77 5.01 -30.08
C SER B 195 -8.98 4.79 -29.22
N TYR B 196 -8.74 4.61 -27.93
CA TYR B 196 -9.74 4.27 -26.89
C TYR B 196 -9.43 4.97 -25.59
N GLY B 197 -10.44 5.18 -24.75
CA GLY B 197 -10.24 5.82 -23.41
C GLY B 197 -9.43 4.87 -22.50
N MET B 198 -8.32 5.36 -21.97
CA MET B 198 -7.41 4.52 -21.17
C MET B 198 -8.10 3.96 -19.92
N GLU B 199 -8.80 4.83 -19.20
CA GLU B 199 -9.45 4.47 -17.94
C GLU B 199 -10.42 3.32 -18.06
N TYR B 200 -11.22 3.32 -19.12
CA TYR B 200 -12.14 2.20 -19.36
C TYR B 200 -11.36 0.92 -19.47
N VAL B 201 -10.35 0.89 -20.33
CA VAL B 201 -9.52 -0.31 -20.46
C VAL B 201 -8.77 -0.66 -19.14
N ALA B 202 -8.32 0.35 -18.40
CA ALA B 202 -7.54 0.12 -17.16
C ALA B 202 -8.36 -0.61 -16.11
N ASN B 203 -9.66 -0.33 -16.07
CA ASN B 203 -10.59 -1.03 -15.19
C ASN B 203 -10.60 -2.55 -15.36
N THR B 204 -10.31 -3.04 -16.57
CA THR B 204 -10.45 -4.47 -16.86
C THR B 204 -9.26 -5.34 -16.42
N THR B 205 -8.15 -4.74 -16.03
CA THR B 205 -6.95 -5.52 -15.72
C THR B 205 -7.16 -6.42 -14.50
N LYS B 206 -8.10 -6.01 -13.63
CA LYS B 206 -8.59 -6.81 -12.50
C LYS B 206 -8.97 -8.23 -12.92
N MET B 207 -9.52 -8.35 -14.14
CA MET B 207 -9.94 -9.65 -14.66
C MET B 207 -8.82 -10.70 -14.67
N ARG B 208 -7.57 -10.29 -14.45
CA ARG B 208 -6.42 -11.24 -14.37
C ARG B 208 -6.66 -12.26 -13.24
N ARG B 209 -7.42 -11.85 -12.23
CA ARG B 209 -7.73 -12.74 -11.10
C ARG B 209 -8.79 -13.79 -11.41
N ALA B 210 -9.38 -13.75 -12.60
CA ALA B 210 -10.47 -14.68 -12.94
C ALA B 210 -10.23 -15.41 -14.26
N SER B 211 -9.24 -14.92 -15.02
CA SER B 211 -9.00 -15.28 -16.41
C SER B 211 -7.50 -15.53 -16.64
N ASP B 212 -7.19 -16.68 -17.25
CA ASP B 212 -5.83 -17.03 -17.67
C ASP B 212 -5.47 -16.50 -19.09
N SER B 213 -6.42 -16.58 -20.03
CA SER B 213 -6.20 -16.05 -21.37
C SER B 213 -7.41 -15.23 -21.87
N MET B 214 -7.20 -14.50 -22.95
CA MET B 214 -8.20 -13.57 -23.39
C MET B 214 -8.12 -13.44 -24.89
N GLU B 215 -9.11 -12.78 -25.47
CA GLU B 215 -9.08 -12.42 -26.88
C GLU B 215 -9.26 -10.92 -27.03
N LEU B 216 -8.54 -10.35 -27.99
CA LEU B 216 -8.67 -8.91 -28.30
C LEU B 216 -9.08 -8.77 -29.77
N TYR B 217 -10.15 -8.01 -30.00
CA TYR B 217 -10.68 -7.77 -31.33
C TYR B 217 -10.83 -6.27 -31.49
N PHE B 218 -10.42 -5.74 -32.65
CA PHE B 218 -10.73 -4.34 -32.97
C PHE B 218 -10.60 -4.07 -34.48
N GLY B 219 -10.91 -2.84 -34.85
CA GLY B 219 -10.63 -2.35 -36.18
C GLY B 219 -10.52 -0.86 -36.18
N SER B 220 -10.28 -0.30 -37.38
CA SER B 220 -10.27 1.15 -37.58
C SER B 220 -11.69 1.69 -37.44
N GLN B 221 -11.91 2.52 -36.42
CA GLN B 221 -13.24 3.06 -36.10
C GLN B 221 -14.27 1.99 -35.75
N ILE B 222 -13.83 1.01 -34.98
CA ILE B 222 -14.62 -0.13 -34.57
C ILE B 222 -14.32 -0.26 -33.07
N PRO B 223 -15.36 -0.60 -32.26
CA PRO B 223 -15.21 -0.89 -30.84
C PRO B 223 -14.11 -1.92 -30.55
N LEU B 224 -13.41 -1.69 -29.44
CA LEU B 224 -12.45 -2.66 -28.97
C LEU B 224 -13.23 -3.69 -28.20
N LYS B 225 -13.15 -4.96 -28.62
CA LYS B 225 -13.70 -6.05 -27.82
C LYS B 225 -12.61 -6.81 -27.08
N LEU B 226 -12.74 -6.86 -25.75
CA LEU B 226 -11.90 -7.68 -24.90
C LEU B 226 -12.79 -8.81 -24.38
N ARG B 227 -12.38 -10.04 -24.65
CA ARG B 227 -13.07 -11.23 -24.16
C ARG B 227 -12.11 -11.92 -23.20
N PHE B 228 -12.41 -11.86 -21.91
CA PHE B 228 -11.65 -12.60 -20.92
C PHE B 228 -12.28 -13.97 -20.75
N LYS B 229 -11.53 -15.03 -21.05
CA LYS B 229 -12.05 -16.38 -20.93
C LYS B 229 -12.05 -16.79 -19.47
N LEU B 230 -13.16 -17.35 -19.01
CA LEU B 230 -13.26 -17.77 -17.63
C LEU B 230 -13.26 -19.30 -17.57
N PRO B 231 -13.18 -19.90 -16.37
CA PRO B 231 -13.28 -21.38 -16.33
C PRO B 231 -14.60 -21.89 -16.94
N GLN B 232 -14.58 -23.14 -17.38
CA GLN B 232 -15.79 -23.85 -17.81
C GLN B 232 -16.54 -23.13 -18.94
N GLU B 233 -15.78 -22.58 -19.89
CA GLU B 233 -16.30 -21.87 -21.07
C GLU B 233 -17.02 -20.56 -20.73
N GLY B 234 -16.72 -19.98 -19.57
CA GLY B 234 -17.27 -18.68 -19.21
C GLY B 234 -16.54 -17.57 -19.95
N TYR B 235 -17.10 -16.38 -19.96
CA TYR B 235 -16.42 -15.21 -20.52
C TYR B 235 -16.90 -13.92 -19.91
N GLY B 236 -16.00 -12.94 -19.88
CA GLY B 236 -16.32 -11.55 -19.58
C GLY B 236 -15.99 -10.75 -20.82
N ASP B 237 -17.02 -10.32 -21.55
CA ASP B 237 -16.88 -9.49 -22.74
C ASP B 237 -17.05 -8.00 -22.40
N PHE B 238 -16.11 -7.18 -22.86
CA PHE B 238 -16.20 -5.73 -22.72
C PHE B 238 -15.97 -5.11 -24.09
N TYR B 239 -16.87 -4.22 -24.50
CA TYR B 239 -16.79 -3.56 -25.79
C TYR B 239 -16.66 -2.05 -25.52
N ILE B 240 -15.59 -1.44 -26.01
CA ILE B 240 -15.24 -0.04 -25.68
C ILE B 240 -15.26 0.78 -26.98
N ALA B 241 -16.16 1.75 -27.05
CA ALA B 241 -16.28 2.57 -28.28
C ALA B 241 -14.97 3.27 -28.69
N PRO B 242 -14.72 3.38 -29.99
CA PRO B 242 -13.55 4.04 -30.53
C PRO B 242 -13.67 5.55 -30.36
N ARG B 243 -12.52 6.24 -30.20
CA ARG B 243 -12.53 7.71 -30.26
C ARG B 243 -12.46 8.19 -31.72
N ALA B 244 -12.83 9.44 -31.93
CA ALA B 244 -12.57 10.13 -33.19
C ALA B 244 -11.14 9.99 -33.67
N ASP B 245 -10.95 9.84 -34.99
CA ASP B 245 -9.61 9.91 -35.58
C ASP B 245 -9.13 11.36 -35.52
N ASN C 10 34.79 6.09 -34.42
CA ASN C 10 33.72 5.49 -35.29
C ASN C 10 32.40 5.81 -34.67
N ILE C 11 31.53 6.45 -35.46
CA ILE C 11 30.23 6.85 -34.96
C ILE C 11 29.13 6.03 -35.57
N ARG C 12 28.35 5.46 -34.67
CA ARG C 12 27.33 4.50 -35.02
C ARG C 12 25.99 5.20 -35.03
N LEU C 13 25.04 4.63 -35.76
CA LEU C 13 23.68 5.17 -35.81
C LEU C 13 23.12 5.42 -34.43
N ILE C 14 23.32 4.46 -33.53
CA ILE C 14 23.06 4.70 -32.12
C ILE C 14 24.40 5.18 -31.53
N ASN C 15 24.54 6.49 -31.36
CA ASN C 15 25.84 7.03 -31.03
C ASN C 15 26.00 7.14 -29.53
N MET C 16 24.90 7.03 -28.80
CA MET C 16 25.00 6.95 -27.34
C MET C 16 24.10 5.78 -26.91
N LYS C 17 24.62 4.92 -26.05
CA LYS C 17 23.84 3.78 -25.56
C LYS C 17 24.38 3.36 -24.21
N VAL C 18 23.49 3.41 -23.23
CA VAL C 18 23.84 2.93 -21.92
C VAL C 18 22.82 1.89 -21.43
N VAL C 19 23.34 0.82 -20.81
CA VAL C 19 22.46 -0.17 -20.18
C VAL C 19 22.72 -0.29 -18.68
N TYR C 20 21.69 0.04 -17.90
CA TYR C 20 21.74 -0.08 -16.45
C TYR C 20 20.84 -1.17 -15.88
N ASP C 21 21.42 -2.09 -15.11
CA ASP C 21 20.63 -3.21 -14.59
C ASP C 21 20.23 -3.13 -13.11
N ASP C 22 20.13 -1.91 -12.57
CA ASP C 22 19.71 -1.73 -11.19
C ASP C 22 18.89 -0.46 -11.09
N VAL C 23 17.65 -0.55 -11.56
CA VAL C 23 16.73 0.58 -11.69
C VAL C 23 16.19 1.15 -10.37
N ARG C 24 16.35 0.42 -9.27
CA ARG C 24 15.97 0.90 -7.94
C ARG C 24 16.85 2.07 -7.54
N VAL C 25 18.17 1.90 -7.69
CA VAL C 25 19.12 2.98 -7.46
C VAL C 25 18.64 4.23 -8.17
N LEU C 26 18.52 4.15 -9.49
CA LEU C 26 18.10 5.29 -10.31
C LEU C 26 16.78 5.85 -9.83
N LYS C 27 15.82 4.96 -9.58
CA LYS C 27 14.52 5.33 -9.03
C LYS C 27 14.64 6.11 -7.69
N ASP C 28 15.52 5.65 -6.80
CA ASP C 28 15.77 6.37 -5.55
C ASP C 28 16.41 7.73 -5.80
N ILE C 29 17.34 7.81 -6.75
CA ILE C 29 17.97 9.08 -7.10
C ILE C 29 16.97 10.07 -7.68
N ILE C 30 16.21 9.60 -8.68
CA ILE C 30 15.29 10.45 -9.42
C ILE C 30 14.12 10.88 -8.55
N GLN C 31 13.68 10.03 -7.63
CA GLN C 31 12.57 10.38 -6.72
C GLN C 31 12.94 11.59 -5.81
N ALA C 32 14.21 11.66 -5.40
CA ALA C 32 14.70 12.76 -4.57
C ALA C 32 14.85 14.02 -5.44
N LEU C 33 15.36 13.84 -6.66
CA LEU C 33 15.51 14.92 -7.61
C LEU C 33 14.19 15.60 -7.98
N ALA C 34 13.12 14.80 -8.12
CA ALA C 34 11.81 15.30 -8.53
C ALA C 34 11.19 16.19 -7.48
N ARG C 35 11.61 16.01 -6.22
CA ARG C 35 11.16 16.87 -5.13
C ARG C 35 11.85 18.23 -5.21
N LEU C 36 13.06 18.25 -5.79
CA LEU C 36 13.90 19.47 -5.83
C LEU C 36 13.67 20.39 -7.04
N VAL C 37 13.41 19.83 -8.22
CA VAL C 37 13.37 20.58 -9.49
C VAL C 37 12.43 19.87 -10.49
N ASP C 38 11.84 20.65 -11.39
CA ASP C 38 11.00 20.16 -12.46
C ASP C 38 11.77 19.53 -13.60
N GLU C 39 12.98 20.04 -13.88
CA GLU C 39 13.80 19.58 -15.01
C GLU C 39 15.23 19.47 -14.55
N ALA C 40 15.98 18.54 -15.13
CA ALA C 40 17.35 18.28 -14.73
C ALA C 40 18.06 17.72 -15.93
N VAL C 41 19.39 17.65 -15.84
CA VAL C 41 20.25 17.12 -16.91
C VAL C 41 21.17 15.99 -16.40
N LEU C 42 21.01 14.80 -16.98
CA LEU C 42 22.06 13.77 -16.90
C LEU C 42 23.06 13.97 -18.03
N LYS C 43 24.30 14.29 -17.67
CA LYS C 43 25.38 14.46 -18.64
C LYS C 43 26.20 13.18 -18.66
N PHE C 44 26.08 12.41 -19.75
CA PHE C 44 26.80 11.17 -19.92
C PHE C 44 28.16 11.55 -20.47
N LYS C 45 29.19 11.29 -19.68
CA LYS C 45 30.56 11.61 -20.07
C LYS C 45 31.32 10.29 -20.26
N GLN C 46 32.53 10.37 -20.82
CA GLN C 46 33.38 9.19 -21.06
C GLN C 46 33.41 8.21 -19.87
N ASP C 47 33.68 8.75 -18.68
CA ASP C 47 33.97 7.94 -17.50
C ASP C 47 32.83 7.78 -16.52
N SER C 48 31.82 8.64 -16.63
CA SER C 48 30.71 8.65 -15.69
C SER C 48 29.54 9.42 -16.24
N VAL C 49 28.37 9.16 -15.65
CA VAL C 49 27.18 10.00 -15.83
C VAL C 49 27.14 10.94 -14.66
N GLU C 50 26.99 12.24 -14.94
CA GLU C 50 26.97 13.28 -13.91
C GLU C 50 25.63 14.00 -13.87
N LEU C 51 25.14 14.34 -12.67
CA LEU C 51 23.95 15.19 -12.53
C LEU C 51 24.12 16.13 -11.34
N VAL C 52 23.96 17.43 -11.59
CA VAL C 52 23.97 18.47 -10.54
C VAL C 52 22.70 19.30 -10.68
N ALA C 53 21.98 19.44 -9.57
CA ALA C 53 20.74 20.20 -9.59
C ALA C 53 20.61 21.00 -8.30
N LEU C 54 20.42 22.29 -8.46
CA LEU C 54 20.13 23.21 -7.38
C LEU C 54 18.60 23.29 -7.29
N ASP C 55 18.02 23.18 -6.10
CA ASP C 55 16.57 23.23 -6.02
C ASP C 55 16.00 24.59 -6.46
N ARG C 56 14.69 24.62 -6.66
CA ARG C 56 14.01 25.82 -7.20
C ARG C 56 14.18 27.05 -6.34
N ALA C 57 14.23 26.87 -5.01
CA ALA C 57 14.45 27.98 -4.09
C ALA C 57 15.94 28.25 -3.83
N HIS C 58 16.83 27.42 -4.40
CA HIS C 58 18.32 27.55 -4.19
C HIS C 58 18.71 27.31 -2.70
N ILE C 59 17.94 26.51 -2.00
CA ILE C 59 18.21 26.22 -0.60
C ILE C 59 18.99 24.92 -0.48
N SER C 60 18.83 24.02 -1.46
CA SER C 60 19.58 22.75 -1.49
C SER C 60 20.08 22.40 -2.88
N LEU C 61 21.00 21.43 -2.88
CA LEU C 61 21.77 21.04 -4.03
C LEU C 61 22.02 19.54 -3.97
N ILE C 62 21.68 18.83 -5.03
CA ILE C 62 22.07 17.42 -5.19
C ILE C 62 23.10 17.22 -6.32
N SER C 63 24.13 16.39 -6.04
CA SER C 63 25.14 16.08 -7.03
C SER C 63 25.42 14.58 -7.13
N VAL C 64 25.35 14.05 -8.35
CA VAL C 64 25.37 12.59 -8.59
C VAL C 64 26.48 12.26 -9.59
N ASN C 65 27.28 11.23 -9.28
CA ASN C 65 28.26 10.74 -10.20
C ASN C 65 28.17 9.22 -10.27
N LEU C 66 27.88 8.69 -11.46
CA LEU C 66 27.74 7.26 -11.65
C LEU C 66 28.81 6.79 -12.62
N PRO C 67 29.91 6.19 -12.09
CA PRO C 67 30.98 5.70 -12.93
C PRO C 67 30.49 4.69 -13.98
N ARG C 68 31.15 4.70 -15.14
CA ARG C 68 30.75 3.85 -16.26
C ARG C 68 30.78 2.34 -15.93
N GLU C 69 31.73 1.95 -15.08
CA GLU C 69 31.81 0.60 -14.47
C GLU C 69 30.51 0.07 -13.81
N MET C 70 29.66 0.97 -13.32
CA MET C 70 28.39 0.54 -12.74
C MET C 70 27.39 0.02 -13.78
N PHE C 71 27.72 0.20 -15.06
CA PHE C 71 26.80 -0.11 -16.15
C PHE C 71 27.14 -1.39 -16.88
N LYS C 72 26.10 -2.03 -17.42
CA LYS C 72 26.30 -3.26 -18.14
C LYS C 72 26.86 -2.98 -19.53
N GLU C 73 26.44 -1.87 -20.10
CA GLU C 73 26.95 -1.42 -21.39
C GLU C 73 27.08 0.07 -21.22
N TYR C 74 28.18 0.64 -21.68
CA TYR C 74 28.37 2.09 -21.59
C TYR C 74 29.07 2.60 -22.83
N ASP C 75 28.30 3.24 -23.70
CA ASP C 75 28.83 3.68 -24.98
C ASP C 75 28.54 5.15 -25.18
N VAL C 76 29.58 5.96 -25.00
CA VAL C 76 29.50 7.41 -25.08
C VAL C 76 30.86 7.93 -25.53
N ASN C 77 30.92 8.54 -26.71
CA ASN C 77 32.13 9.24 -27.07
C ASN C 77 31.88 10.73 -26.95
N ASP C 78 30.86 11.20 -27.65
CA ASP C 78 30.38 12.54 -27.47
C ASP C 78 29.81 12.62 -26.06
N GLU C 79 30.26 13.57 -25.23
CA GLU C 79 29.49 13.85 -24.01
C GLU C 79 28.06 14.07 -24.49
N PHE C 80 27.08 13.54 -23.77
CA PHE C 80 25.67 13.69 -24.18
C PHE C 80 24.83 14.29 -23.05
N LYS C 81 24.10 15.36 -23.34
CA LYS C 81 23.32 16.03 -22.31
C LYS C 81 21.85 15.66 -22.43
N PHE C 82 21.39 14.84 -21.49
CA PHE C 82 20.00 14.40 -21.52
C PHE C 82 19.22 15.29 -20.57
N GLY C 83 18.47 16.24 -21.10
CA GLY C 83 17.58 17.09 -20.28
C GLY C 83 16.19 16.48 -20.24
N PHE C 84 15.60 16.44 -19.06
CA PHE C 84 14.36 15.72 -18.86
C PHE C 84 13.50 16.40 -17.80
N ASN C 85 12.20 16.20 -17.92
CA ASN C 85 11.25 16.57 -16.88
C ASN C 85 11.28 15.47 -15.83
N THR C 86 11.41 15.83 -14.55
CA THR C 86 11.74 14.84 -13.51
C THR C 86 10.57 13.92 -13.09
N GLN C 87 9.37 14.48 -13.06
CA GLN C 87 8.13 13.73 -12.81
C GLN C 87 7.94 12.67 -13.91
N TYR C 88 8.11 13.08 -15.16
CA TYR C 88 7.93 12.15 -16.26
C TYR C 88 8.94 10.99 -16.23
N LEU C 89 10.21 11.29 -15.95
CA LEU C 89 11.21 10.22 -15.85
C LEU C 89 10.89 9.26 -14.69
N MET C 90 10.38 9.80 -13.56
CA MET C 90 9.90 8.93 -12.50
C MET C 90 8.85 7.97 -13.03
N LYS C 91 7.85 8.46 -13.76
CA LYS C 91 6.84 7.57 -14.37
C LYS C 91 7.47 6.54 -15.30
N ILE C 92 8.46 6.93 -16.09
CA ILE C 92 9.10 5.95 -16.96
C ILE C 92 9.79 4.86 -16.13
N LEU C 93 10.64 5.28 -15.17
CA LEU C 93 11.39 4.32 -14.36
C LEU C 93 10.48 3.37 -13.61
N LYS C 94 9.27 3.85 -13.30
CA LYS C 94 8.26 3.10 -12.56
C LYS C 94 7.61 1.96 -13.37
N VAL C 95 7.62 2.06 -14.69
CA VAL C 95 7.25 0.97 -15.58
C VAL C 95 8.01 -0.34 -15.31
N ALA C 96 9.28 -0.23 -14.91
CA ALA C 96 10.13 -1.42 -14.74
C ALA C 96 9.69 -2.35 -13.60
N LYS C 97 9.73 -3.64 -13.87
CA LYS C 97 9.51 -4.67 -12.84
C LYS C 97 10.83 -5.14 -12.24
N ARG C 98 10.75 -5.88 -11.14
CA ARG C 98 11.91 -6.34 -10.38
C ARG C 98 13.08 -6.82 -11.26
N LYS C 99 14.20 -6.09 -11.15
CA LYS C 99 15.46 -6.41 -11.86
C LYS C 99 15.37 -6.50 -13.39
N GLU C 100 14.44 -5.77 -13.98
CA GLU C 100 14.51 -5.45 -15.39
C GLU C 100 15.48 -4.31 -15.58
N ALA C 101 16.26 -4.39 -16.65
CA ALA C 101 17.19 -3.33 -17.03
C ALA C 101 16.52 -2.17 -17.76
N ILE C 102 17.23 -1.06 -17.82
CA ILE C 102 16.86 0.09 -18.61
C ILE C 102 18.01 0.44 -19.56
N GLU C 103 17.61 0.80 -20.79
CA GLU C 103 18.51 1.24 -21.82
C GLU C 103 18.18 2.67 -22.11
N ILE C 104 19.20 3.53 -22.13
CA ILE C 104 19.04 4.89 -22.63
C ILE C 104 19.96 4.98 -23.83
N ALA C 105 19.42 5.40 -24.97
CA ALA C 105 20.11 5.42 -26.26
C ALA C 105 19.79 6.68 -27.06
N SER C 106 20.64 7.03 -28.02
CA SER C 106 20.33 8.20 -28.87
C SER C 106 20.97 8.09 -30.23
N GLU C 107 20.17 8.43 -31.21
CA GLU C 107 20.58 8.50 -32.61
C GLU C 107 20.83 9.93 -33.08
N SER C 108 20.35 10.91 -32.30
CA SER C 108 20.53 12.33 -32.65
C SER C 108 20.27 13.22 -31.42
N PRO C 109 20.85 14.42 -31.39
CA PRO C 109 20.82 15.13 -30.11
C PRO C 109 19.43 15.58 -29.63
N ASP C 110 18.41 15.55 -30.49
CA ASP C 110 17.11 16.07 -30.06
C ASP C 110 16.16 15.03 -29.48
N SER C 111 16.56 13.77 -29.47
CA SER C 111 15.70 12.75 -28.89
C SER C 111 16.49 11.67 -28.16
N VAL C 112 15.82 11.06 -27.18
CA VAL C 112 16.38 9.97 -26.43
C VAL C 112 15.42 8.79 -26.54
N ILE C 113 15.97 7.60 -26.73
CA ILE C 113 15.17 6.41 -26.59
C ILE C 113 15.40 5.74 -25.25
N ILE C 114 14.33 5.56 -24.47
CA ILE C 114 14.40 4.75 -23.25
C ILE C 114 13.63 3.43 -23.38
N ASN C 115 14.34 2.31 -23.27
CA ASN C 115 13.72 0.99 -23.28
C ASN C 115 13.72 0.36 -21.89
N ILE C 116 12.56 -0.05 -21.43
CA ILE C 116 12.46 -0.86 -20.24
C ILE C 116 12.50 -2.30 -20.75
N ILE C 117 13.57 -3.01 -20.40
CA ILE C 117 13.86 -4.30 -21.03
C ILE C 117 13.17 -5.47 -20.33
N GLY C 118 12.23 -6.08 -21.05
CA GLY C 118 11.57 -7.29 -20.57
C GLY C 118 11.29 -8.18 -21.74
N SER C 119 10.40 -9.16 -21.54
CA SER C 119 9.98 -10.07 -22.61
C SER C 119 9.53 -9.30 -23.86
N THR C 120 8.85 -8.18 -23.64
CA THR C 120 8.70 -7.18 -24.66
C THR C 120 9.17 -5.94 -24.00
N ASN C 121 9.86 -5.11 -24.77
CA ASN C 121 10.31 -3.87 -24.29
C ASN C 121 9.17 -2.86 -24.22
N ARG C 122 9.29 -1.96 -23.26
CA ARG C 122 8.44 -0.80 -23.21
C ARG C 122 9.36 0.32 -23.67
N GLU C 123 9.02 0.87 -24.84
CA GLU C 123 9.86 1.82 -25.53
C GLU C 123 9.31 3.24 -25.40
N PHE C 124 10.15 4.15 -24.90
CA PHE C 124 9.80 5.55 -24.79
C PHE C 124 10.66 6.37 -25.74
N ASN C 125 10.02 7.00 -26.71
CA ASN C 125 10.73 7.97 -27.53
C ASN C 125 10.50 9.37 -26.97
N VAL C 126 11.53 10.02 -26.45
CA VAL C 126 11.31 11.28 -25.71
C VAL C 126 12.11 12.43 -26.35
N ARG C 127 11.50 13.60 -26.40
CA ARG C 127 12.20 14.80 -26.84
C ARG C 127 13.28 15.16 -25.82
N ASN C 128 14.52 15.34 -26.28
CA ASN C 128 15.57 15.86 -25.40
C ASN C 128 15.33 17.34 -25.06
N LEU C 129 15.34 17.72 -23.78
CA LEU C 129 15.12 19.12 -23.41
C LEU C 129 16.42 19.90 -23.26
N GLU C 130 16.39 21.18 -23.63
CA GLU C 130 17.47 22.06 -23.19
C GLU C 130 17.06 22.64 -21.88
N VAL C 131 17.97 22.59 -20.92
CA VAL C 131 17.72 23.09 -19.57
C VAL C 131 18.77 24.16 -19.27
N SER C 132 18.30 25.37 -18.90
CA SER C 132 19.16 26.50 -18.64
C SER C 132 20.15 26.19 -17.55
N GLU C 133 21.35 26.74 -17.70
CA GLU C 133 22.41 26.58 -16.69
C GLU C 133 22.20 27.54 -15.53
N GLN C 134 22.54 27.08 -14.34
CA GLN C 134 22.36 27.83 -13.09
C GLN C 134 23.75 28.08 -12.46
N GLU C 135 23.89 29.12 -11.63
CA GLU C 135 25.11 29.27 -10.82
C GLU C 135 24.99 28.20 -9.76
N ILE C 136 26.06 27.43 -9.56
CA ILE C 136 25.99 26.28 -8.66
C ILE C 136 26.95 26.50 -7.50
N PRO C 137 26.43 26.39 -6.26
CA PRO C 137 27.23 26.59 -5.06
C PRO C 137 28.33 25.52 -4.94
N GLU C 138 29.47 25.92 -4.39
CA GLU C 138 30.53 24.98 -4.07
C GLU C 138 30.00 23.96 -3.06
N ILE C 139 30.23 22.68 -3.33
CA ILE C 139 29.77 21.63 -2.45
C ILE C 139 30.81 21.22 -1.39
N ASN C 140 32.11 21.34 -1.71
CA ASN C 140 33.18 20.97 -0.79
C ASN C 140 33.70 22.13 0.05
N LEU C 141 32.99 22.49 1.11
CA LEU C 141 33.54 23.46 2.05
C LEU C 141 34.30 22.76 3.18
N GLN C 142 34.97 23.56 4.00
CA GLN C 142 35.60 23.07 5.20
C GLN C 142 34.56 22.99 6.31
N PHE C 143 34.24 21.78 6.74
CA PHE C 143 33.23 21.58 7.77
C PHE C 143 33.88 21.49 9.14
N ASP C 144 33.09 21.62 10.19
CA ASP C 144 33.62 21.53 11.56
C ASP C 144 33.54 20.11 12.14
N ILE C 145 32.76 19.26 11.49
CA ILE C 145 32.61 17.86 11.91
C ILE C 145 32.07 16.96 10.79
N SER C 146 32.64 15.76 10.68
CA SER C 146 32.13 14.71 9.80
C SER C 146 31.85 13.43 10.60
N ALA C 147 30.59 13.02 10.64
CA ALA C 147 30.20 11.79 11.32
C ALA C 147 29.59 10.81 10.32
N THR C 148 30.12 9.59 10.27
CA THR C 148 29.52 8.54 9.47
C THR C 148 28.66 7.63 10.36
N ILE C 149 27.39 7.50 9.99
CA ILE C 149 26.44 6.70 10.76
C ILE C 149 25.61 5.82 9.83
N SER C 150 24.79 4.96 10.41
CA SER C 150 23.86 4.13 9.69
C SER C 150 22.91 4.99 8.83
N SER C 151 22.65 4.53 7.61
CA SER C 151 21.79 5.26 6.69
C SER C 151 20.33 5.11 7.12
N ASP C 152 19.98 3.88 7.49
CA ASP C 152 18.71 3.56 8.14
C ASP C 152 18.54 4.33 9.43
N GLY C 153 19.61 4.38 10.21
CA GLY C 153 19.62 5.11 11.47
C GLY C 153 19.32 6.57 11.22
N PHE C 154 20.03 7.15 10.24
CA PHE C 154 19.80 8.53 9.86
C PHE C 154 18.35 8.76 9.44
N LYS C 155 17.88 8.00 8.46
CA LYS C 155 16.46 8.03 8.03
C LYS C 155 15.50 7.94 9.21
N SER C 156 15.69 6.96 10.09
CA SER C 156 14.83 6.81 11.28
C SER C 156 14.86 8.05 12.17
N ALA C 157 16.06 8.58 12.42
CA ALA C 157 16.23 9.76 13.26
C ALA C 157 15.56 11.00 12.68
N ILE C 158 15.65 11.16 11.36
CA ILE C 158 15.03 12.30 10.69
C ILE C 158 13.50 12.18 10.78
N SER C 159 12.98 11.01 10.46
CA SER C 159 11.54 10.74 10.56
C SER C 159 10.99 10.94 12.00
N GLU C 160 11.68 10.38 12.99
CA GLU C 160 11.28 10.54 14.38
C GLU C 160 11.17 12.01 14.76
N VAL C 161 12.23 12.76 14.48
CA VAL C 161 12.32 14.16 14.88
C VAL C 161 11.36 15.06 14.08
N SER C 162 11.05 14.66 12.84
CA SER C 162 10.22 15.45 11.91
C SER C 162 8.71 15.42 12.19
N THR C 163 8.25 14.43 12.94
CA THR C 163 6.86 14.34 13.36
C THR C 163 6.53 15.41 14.39
N VAL C 164 7.57 16.05 14.92
CA VAL C 164 7.42 16.97 16.05
C VAL C 164 7.90 18.39 15.71
N THR C 165 8.70 18.55 14.65
CA THR C 165 9.27 19.87 14.35
C THR C 165 9.57 20.05 12.87
N ASP C 166 9.76 21.29 12.43
CA ASP C 166 10.42 21.52 11.14
C ASP C 166 11.89 21.90 11.36
N ASN C 167 12.26 22.16 12.61
CA ASN C 167 13.65 22.47 12.93
C ASN C 167 14.44 21.23 13.31
N VAL C 168 15.03 20.57 12.33
CA VAL C 168 15.96 19.48 12.65
C VAL C 168 17.27 20.06 13.13
N VAL C 169 17.53 19.87 14.42
CA VAL C 169 18.77 20.29 15.04
C VAL C 169 19.76 19.15 14.94
N VAL C 170 20.99 19.49 14.57
CA VAL C 170 22.07 18.53 14.46
C VAL C 170 23.17 19.07 15.36
N GLU C 171 23.60 18.22 16.29
CA GLU C 171 24.58 18.61 17.28
C GLU C 171 25.76 17.66 17.16
N GLY C 172 26.96 18.23 16.99
CA GLY C 172 28.15 17.44 16.82
C GLY C 172 29.05 17.62 18.01
N HIS C 173 29.56 16.51 18.51
CA HIS C 173 30.58 16.51 19.54
C HIS C 173 31.61 15.45 19.15
N GLU C 174 32.69 15.36 19.95
CA GLU C 174 33.80 14.49 19.64
C GLU C 174 33.33 13.06 19.42
N ASP C 175 32.45 12.61 20.36
CA ASP C 175 32.04 11.18 20.45
C ASP C 175 30.61 10.95 19.97
N ARG C 176 29.87 12.09 19.76
CA ARG C 176 28.44 12.05 19.53
C ARG C 176 28.06 12.90 18.34
N ILE C 177 27.13 12.37 17.54
CA ILE C 177 26.26 13.21 16.74
C ILE C 177 24.86 13.01 17.30
N LEU C 178 24.14 14.11 17.44
CA LEU C 178 22.75 14.06 17.91
C LEU C 178 21.80 14.74 16.94
N ILE C 179 20.66 14.10 16.71
CA ILE C 179 19.63 14.63 15.82
C ILE C 179 18.41 14.91 16.70
N LYS C 180 18.05 16.19 16.80
CA LYS C 180 17.19 16.66 17.88
C LYS C 180 15.98 17.45 17.39
N ALA C 181 14.90 17.35 18.18
CA ALA C 181 13.82 18.33 18.20
C ALA C 181 13.96 19.12 19.50
N GLU C 182 13.86 20.45 19.41
CA GLU C 182 13.96 21.31 20.60
C GLU C 182 12.71 22.19 20.72
N VAL C 187 13.08 15.68 22.12
CA VAL C 187 13.47 14.46 21.41
C VAL C 187 14.92 14.56 20.97
N GLU C 188 15.67 13.49 21.20
CA GLU C 188 17.10 13.46 20.91
C GLU C 188 17.48 12.06 20.47
N VAL C 189 18.21 11.97 19.34
CA VAL C 189 18.68 10.67 18.87
C VAL C 189 20.19 10.74 18.76
N GLU C 190 20.86 9.94 19.63
CA GLU C 190 22.31 9.99 19.84
C GLU C 190 22.99 8.79 19.18
N PHE C 191 23.95 9.14 18.28
CA PHE C 191 24.81 8.15 17.64
C PHE C 191 26.24 8.22 18.22
N GLY C 197 27.13 2.62 16.52
CA GLY C 197 26.26 3.59 15.87
C GLY C 197 27.03 4.68 15.10
N LEU C 198 28.19 5.05 15.62
CA LEU C 198 29.05 6.06 15.02
C LEU C 198 30.27 5.39 14.43
N GLN C 199 30.15 4.98 13.17
CA GLN C 199 31.17 4.17 12.50
C GLN C 199 32.51 4.90 12.37
N ASP C 200 32.44 6.22 12.22
CA ASP C 200 33.62 7.07 12.04
C ASP C 200 33.26 8.53 12.38
N LEU C 201 34.24 9.28 12.87
CA LEU C 201 34.04 10.71 13.14
C LEU C 201 35.33 11.53 12.98
N GLU C 202 35.18 12.71 12.37
CA GLU C 202 36.28 13.65 12.19
C GLU C 202 35.89 14.97 12.82
N PHE C 203 36.66 15.38 13.81
CA PHE C 203 36.28 16.46 14.69
C PHE C 203 37.26 17.63 14.61
N SER C 204 36.71 18.84 14.56
CA SER C 204 37.51 20.05 14.59
C SER C 204 37.03 20.97 15.72
N LYS C 205 35.71 21.12 15.79
CA LYS C 205 35.06 22.04 16.71
C LYS C 205 33.67 21.47 16.99
N GLU C 206 33.20 21.63 18.23
CA GLU C 206 31.85 21.19 18.57
C GLU C 206 30.82 22.08 17.87
N SER C 207 29.82 21.46 17.26
CA SER C 207 28.90 22.18 16.38
C SER C 207 27.45 22.00 16.74
N LYS C 208 26.66 23.01 16.39
CA LYS C 208 25.21 22.96 16.52
C LYS C 208 24.65 23.84 15.42
N ASN C 209 23.71 23.28 14.65
CA ASN C 209 22.96 24.04 13.68
C ASN C 209 21.61 23.35 13.42
N SER C 210 20.69 24.04 12.77
CA SER C 210 19.41 23.45 12.46
C SER C 210 19.07 23.56 10.97
N TYR C 211 18.24 22.62 10.52
CA TYR C 211 17.98 22.42 9.10
C TYR C 211 16.54 21.96 8.92
N SER C 212 15.93 22.39 7.82
CA SER C 212 14.52 22.12 7.55
C SER C 212 14.19 20.64 7.31
N ALA C 213 13.18 20.17 8.04
CA ALA C 213 12.66 18.82 7.91
C ALA C 213 12.01 18.56 6.55
N GLU C 214 11.35 19.60 6.02
CA GLU C 214 10.75 19.57 4.66
C GLU C 214 11.80 19.18 3.64
N TYR C 215 12.95 19.85 3.69
CA TYR C 215 14.03 19.64 2.72
C TYR C 215 14.74 18.31 2.91
N LEU C 216 14.88 17.90 4.16
CA LEU C 216 15.44 16.59 4.51
C LEU C 216 14.51 15.45 4.08
N ASP C 217 13.21 15.62 4.33
CA ASP C 217 12.22 14.67 3.85
C ASP C 217 12.31 14.44 2.33
N ASP C 218 12.65 15.50 1.59
CA ASP C 218 12.82 15.42 0.13
C ASP C 218 13.75 14.29 -0.30
N VAL C 219 14.83 14.08 0.46
CA VAL C 219 15.93 13.17 0.08
C VAL C 219 16.03 11.86 0.88
N LEU C 220 15.01 11.53 1.65
CA LEU C 220 15.02 10.27 2.38
C LEU C 220 15.21 8.99 1.54
N SER C 221 14.85 9.03 0.26
CA SER C 221 15.07 7.89 -0.65
C SER C 221 16.56 7.62 -0.94
N LEU C 222 17.39 8.63 -0.73
CA LEU C 222 18.83 8.50 -0.94
C LEU C 222 19.46 7.60 0.11
N THR C 223 18.78 7.43 1.25
CA THR C 223 19.32 6.61 2.33
C THR C 223 19.32 5.15 1.91
N LYS C 224 18.59 4.86 0.84
CA LYS C 224 18.48 3.50 0.33
C LYS C 224 19.73 3.11 -0.48
N LEU C 225 20.52 4.13 -0.83
CA LEU C 225 21.63 3.96 -1.77
C LEU C 225 22.87 3.32 -1.16
N SER C 226 23.07 3.47 0.15
CA SER C 226 24.24 2.93 0.81
C SER C 226 23.96 2.51 2.26
N ASP C 227 24.86 1.69 2.81
CA ASP C 227 24.76 1.26 4.21
C ASP C 227 24.92 2.45 5.16
N TYR C 228 25.88 3.32 4.85
CA TYR C 228 26.26 4.42 5.73
C TYR C 228 26.18 5.79 5.03
N VAL C 229 25.88 6.82 5.82
CA VAL C 229 25.89 8.19 5.34
C VAL C 229 26.95 9.02 6.08
N LYS C 230 27.76 9.75 5.31
CA LYS C 230 28.67 10.73 5.89
C LYS C 230 27.92 12.06 6.04
N ILE C 231 27.82 12.51 7.27
CA ILE C 231 27.13 13.75 7.63
C ILE C 231 28.16 14.81 8.01
N SER C 232 28.20 15.91 7.27
CA SER C 232 29.11 17.00 7.64
C SER C 232 28.32 18.26 7.86
N PHE C 233 28.73 19.06 8.84
CA PHE C 233 28.01 20.31 9.16
C PHE C 233 28.88 21.24 10.00
N GLY C 234 28.29 22.32 10.48
CA GLY C 234 29.00 23.21 11.39
C GLY C 234 28.16 24.41 11.74
N ASN C 235 28.58 25.13 12.76
CA ASN C 235 27.98 26.43 13.08
C ASN C 235 27.96 27.30 11.83
N GLN C 236 26.76 27.76 11.46
CA GLN C 236 26.56 28.65 10.33
C GLN C 236 27.05 28.07 9.00
N LYS C 237 27.16 26.76 8.93
CA LYS C 237 27.55 26.06 7.70
C LYS C 237 26.43 25.16 7.23
N PRO C 238 26.39 24.89 5.92
CA PRO C 238 25.36 23.96 5.47
C PRO C 238 25.61 22.52 5.93
N LEU C 239 24.56 21.72 5.82
CA LEU C 239 24.57 20.30 6.09
C LEU C 239 24.88 19.56 4.80
N GLN C 240 25.96 18.77 4.83
CA GLN C 240 26.25 17.88 3.72
C GLN C 240 25.91 16.43 4.05
N LEU C 241 25.21 15.76 3.15
CA LEU C 241 25.03 14.32 3.22
C LEU C 241 25.76 13.66 2.02
N PHE C 242 26.57 12.65 2.33
CA PHE C 242 27.34 11.93 1.33
C PHE C 242 27.07 10.43 1.37
N PHE C 243 26.62 9.89 0.25
CA PHE C 243 26.32 8.48 0.10
C PHE C 243 27.33 7.84 -0.87
N ASN C 244 28.25 7.06 -0.33
CA ASN C 244 29.15 6.29 -1.17
C ASN C 244 28.55 4.93 -1.48
N MET C 245 28.24 4.69 -2.76
CA MET C 245 27.61 3.46 -3.20
C MET C 245 28.61 2.42 -3.67
N GLU C 246 28.12 1.20 -3.80
CA GLU C 246 28.91 -0.02 -4.05
C GLU C 246 29.67 -0.13 -5.38
N GLY C 247 29.36 0.72 -6.37
CA GLY C 247 30.12 0.68 -7.63
C GLY C 247 31.16 1.80 -7.80
N GLY C 248 31.26 2.67 -6.81
CA GLY C 248 32.01 3.91 -6.91
C GLY C 248 31.09 5.11 -7.17
N GLY C 249 29.79 4.84 -7.28
CA GLY C 249 28.81 5.94 -7.44
C GLY C 249 28.84 6.83 -6.20
N LYS C 250 28.57 8.13 -6.38
CA LYS C 250 28.58 9.08 -5.27
C LYS C 250 27.34 9.97 -5.39
N VAL C 251 26.53 10.05 -4.32
CA VAL C 251 25.45 11.05 -4.24
C VAL C 251 25.77 11.97 -3.06
N THR C 252 25.79 13.28 -3.33
CA THR C 252 26.01 14.31 -2.32
C THR C 252 24.82 15.26 -2.31
N TYR C 253 24.42 15.64 -1.10
CA TYR C 253 23.30 16.53 -0.89
C TYR C 253 23.75 17.67 0.01
N LEU C 254 23.53 18.91 -0.41
CA LEU C 254 23.90 20.06 0.43
C LEU C 254 22.67 20.88 0.81
N LEU C 255 22.53 21.22 2.08
CA LEU C 255 21.33 21.93 2.56
C LEU C 255 21.69 23.12 3.42
N ALA C 256 21.22 24.31 3.03
CA ALA C 256 21.56 25.53 3.78
C ALA C 256 20.93 25.46 5.20
N PRO C 257 21.50 26.20 6.18
CA PRO C 257 20.87 26.24 7.49
C PRO C 257 19.50 26.89 7.43
N LYS C 258 18.65 26.56 8.39
CA LYS C 258 17.34 27.14 8.46
C LYS C 258 17.49 28.37 9.32
N VAL C 259 18.27 28.24 10.40
CA VAL C 259 18.59 29.36 11.30
C VAL C 259 17.38 29.84 12.14
#